data_7BVJ
#
_entry.id   7BVJ
#
_cell.length_a   72.809
_cell.length_b   80.057
_cell.length_c   107.211
_cell.angle_alpha   90.000
_cell.angle_beta   95.020
_cell.angle_gamma   90.000
#
_symmetry.space_group_name_H-M   'P 1 21 1'
#
loop_
_entity.id
_entity.type
_entity.pdbx_description
1 polymer 'Oxidoreductase, NAD-binding'
2 non-polymer NICOTINAMIDE-ADENINE-DINUCLEOTIDE
3 non-polymer '(2R,3R)-2,3-bis(oxidanyl)butane-1,4-disulfonic acid'
4 water water
#
_entity_poly.entity_id   1
_entity_poly.type   'polypeptide(L)'
_entity_poly.pdbx_seq_one_letter_code
;MIHMRTGVIGVGHLGRFHAQKYAAISQLAGVFDENAERAAEVAAELRCRAFPSVDALLAEVDAVSIVTPTSTHFAVAEVA
MQAGVHCLIEKPFTLDTEEADALIGMAQERHLVLAIGHIKRVHPAIQYLRQAGFGAPRYLEAERLAPFKPRSLDIDVIMD
LMIHDLDLTLLLTGAEPVDVRAVGVAAVTDKADMATAWMTLNNGTVANLAASRVVREPARRMRIFWQDRYASVDFLNNTL
HIYHRGAGTVPGIPGVRDEAVDLAKRDALAAEIEDFLNAIAAHRPVFCDGVAGRRVLAAALQVRVAVEAFLQRLEHHHHH
H
;
_entity_poly.pdbx_strand_id   A,B,C,D
#
# COMPACT_ATOMS: atom_id res chain seq x y z
N MET A 1 28.54 11.75 30.71
CA MET A 1 28.68 10.70 31.72
C MET A 1 28.43 11.23 33.13
N ILE A 2 27.47 10.61 33.81
CA ILE A 2 27.04 11.02 35.15
C ILE A 2 27.88 10.28 36.19
N HIS A 3 28.21 10.96 37.28
CA HIS A 3 28.97 10.33 38.35
C HIS A 3 27.96 9.76 39.33
N MET A 4 27.65 8.49 39.13
CA MET A 4 26.62 7.81 39.89
C MET A 4 26.95 6.32 39.95
N ARG A 5 26.76 5.72 41.12
CA ARG A 5 26.90 4.27 41.28
C ARG A 5 25.58 3.60 40.93
N THR A 6 25.60 2.74 39.92
CA THR A 6 24.40 2.18 39.32
C THR A 6 24.47 0.67 39.28
N GLY A 7 23.28 0.06 39.25
CA GLY A 7 23.15 -1.38 39.14
C GLY A 7 21.86 -1.77 38.44
N VAL A 8 21.79 -3.04 38.06
CA VAL A 8 20.59 -3.62 37.48
C VAL A 8 20.24 -4.89 38.24
N ILE A 9 18.99 -4.98 38.66
CA ILE A 9 18.43 -6.15 39.32
C ILE A 9 17.55 -6.85 38.31
N GLY A 10 18.01 -7.99 37.82
CA GLY A 10 17.31 -8.71 36.77
C GLY A 10 17.92 -8.43 35.42
N VAL A 11 18.75 -9.33 34.92
CA VAL A 11 19.51 -9.11 33.69
C VAL A 11 19.19 -10.15 32.62
N GLY A 12 17.93 -10.53 32.51
CA GLY A 12 17.51 -11.27 31.33
C GLY A 12 17.61 -10.44 30.07
N HIS A 13 16.78 -10.76 29.10
CA HIS A 13 16.82 -10.12 27.75
C HIS A 13 16.93 -8.60 27.78
N LEU A 14 16.00 -7.92 28.42
CA LEU A 14 16.00 -6.45 28.42
C LEU A 14 16.87 -5.84 29.54
N GLY A 15 16.99 -6.56 30.66
CA GLY A 15 17.83 -6.09 31.75
C GLY A 15 19.28 -5.96 31.33
N ARG A 16 19.75 -6.87 30.47
CA ARG A 16 21.09 -6.76 29.94
C ARG A 16 21.30 -5.45 29.19
N PHE A 17 20.32 -5.04 28.38
CA PHE A 17 20.42 -3.76 27.67
C PHE A 17 20.48 -2.60 28.65
N HIS A 18 19.65 -2.63 29.69
CA HIS A 18 19.78 -1.63 30.76
C HIS A 18 21.21 -1.56 31.28
N ALA A 19 21.79 -2.74 31.54
CA ALA A 19 23.14 -2.80 32.09
C ALA A 19 24.18 -2.21 31.13
N GLN A 20 24.03 -2.50 29.82
CA GLN A 20 24.94 -1.91 28.83
C GLN A 20 24.88 -0.40 28.87
N LYS A 21 23.66 0.17 28.95
CA LYS A 21 23.53 1.63 28.98
C LYS A 21 24.21 2.20 30.22
N TYR A 22 23.92 1.62 31.39
CA TYR A 22 24.51 2.16 32.62
C TYR A 22 26.03 2.10 32.56
N ALA A 23 26.58 1.03 31.99
CA ALA A 23 28.03 0.92 31.87
C ALA A 23 28.59 2.00 30.98
N ALA A 24 27.84 2.41 29.94
CA ALA A 24 28.34 3.46 29.07
C ALA A 24 28.24 4.85 29.70
N ILE A 25 27.26 5.13 30.55
CA ILE A 25 27.03 6.51 30.95
C ILE A 25 27.20 6.77 32.45
N SER A 26 27.63 5.79 33.23
CA SER A 26 27.73 5.95 34.68
C SER A 26 28.76 4.95 35.19
N GLN A 27 28.82 4.79 36.51
CA GLN A 27 29.76 3.88 37.15
C GLN A 27 28.98 2.62 37.56
N LEU A 28 28.88 1.68 36.62
CA LEU A 28 28.13 0.45 36.86
C LEU A 28 28.89 -0.43 37.85
N ALA A 29 28.39 -0.52 39.08
CA ALA A 29 28.96 -1.47 40.02
C ALA A 29 28.75 -2.91 39.56
N GLY A 30 27.55 -3.23 39.07
CA GLY A 30 27.30 -4.58 38.61
C GLY A 30 25.81 -4.91 38.61
N VAL A 31 25.54 -6.22 38.64
CA VAL A 31 24.23 -6.76 38.35
C VAL A 31 23.91 -7.89 39.33
N PHE A 32 22.61 -8.14 39.51
CA PHE A 32 22.13 -9.28 40.27
C PHE A 32 20.98 -9.91 39.50
N ASP A 33 20.97 -11.24 39.47
CA ASP A 33 19.90 -12.02 38.88
C ASP A 33 19.73 -13.27 39.73
N GLU A 34 18.50 -13.78 39.79
CA GLU A 34 18.27 -15.00 40.56
C GLU A 34 18.99 -16.19 39.93
N ASN A 35 19.24 -16.12 38.63
CA ASN A 35 20.00 -17.14 37.90
C ASN A 35 21.46 -16.70 37.89
N ALA A 36 22.31 -17.34 38.70
CA ALA A 36 23.67 -16.84 38.92
C ALA A 36 24.50 -16.92 37.65
N GLU A 37 24.37 -18.01 36.89
CA GLU A 37 25.04 -18.11 35.59
C GLU A 37 24.82 -16.88 34.71
N ARG A 38 23.57 -16.38 34.68
CA ARG A 38 23.22 -15.31 33.77
C ARG A 38 23.83 -13.98 34.22
N ALA A 39 23.71 -13.67 35.52
CA ALA A 39 24.44 -12.55 36.07
C ALA A 39 25.93 -12.63 35.77
N ALA A 40 26.51 -13.83 35.92
CA ALA A 40 27.95 -13.99 35.70
C ALA A 40 28.32 -13.68 34.26
N GLU A 41 27.53 -14.14 33.29
CA GLU A 41 27.87 -13.82 31.91
C GLU A 41 27.68 -12.33 31.62
N VAL A 42 26.62 -11.71 32.17
CA VAL A 42 26.42 -10.29 31.95
C VAL A 42 27.58 -9.49 32.54
N ALA A 43 28.00 -9.84 33.75
CA ALA A 43 29.14 -9.16 34.38
C ALA A 43 30.42 -9.37 33.57
N ALA A 44 30.67 -10.60 33.10
CA ALA A 44 31.85 -10.84 32.27
C ALA A 44 31.83 -9.98 31.02
N GLU A 45 30.66 -9.82 30.40
CA GLU A 45 30.59 -9.08 29.15
C GLU A 45 30.76 -7.58 29.39
N LEU A 46 30.26 -7.07 30.52
CA LEU A 46 30.35 -5.64 30.78
C LEU A 46 31.49 -5.28 31.71
N ARG A 47 32.23 -6.27 32.23
CA ARG A 47 33.37 -6.04 33.12
C ARG A 47 32.93 -5.33 34.40
N CYS A 48 31.76 -5.69 34.89
CA CYS A 48 31.29 -5.28 36.20
C CYS A 48 31.23 -6.51 37.10
N ARG A 49 30.75 -6.31 38.33
CA ARG A 49 30.59 -7.42 39.27
C ARG A 49 29.30 -8.18 38.98
N ALA A 50 29.30 -9.47 39.33
CA ALA A 50 28.08 -10.23 39.51
C ALA A 50 27.90 -10.39 41.02
N PHE A 51 26.82 -9.80 41.57
CA PHE A 51 26.73 -9.81 43.02
C PHE A 51 26.07 -11.10 43.53
N PRO A 52 26.47 -11.55 44.72
CA PRO A 52 25.89 -12.78 45.27
C PRO A 52 24.52 -12.60 45.88
N SER A 53 24.02 -11.38 46.03
CA SER A 53 22.68 -11.16 46.57
C SER A 53 22.22 -9.77 46.15
N VAL A 54 20.90 -9.55 46.20
CA VAL A 54 20.37 -8.22 45.90
C VAL A 54 20.89 -7.21 46.92
N ASP A 55 21.05 -7.63 48.18
CA ASP A 55 21.42 -6.69 49.23
C ASP A 55 22.84 -6.15 49.03
N ALA A 56 23.74 -6.99 48.53
CA ALA A 56 25.12 -6.57 48.33
C ALA A 56 25.24 -5.65 47.12
N LEU A 57 24.44 -5.91 46.08
CA LEU A 57 24.27 -4.91 45.03
C LEU A 57 23.84 -3.57 45.63
N LEU A 58 22.74 -3.58 46.38
CA LEU A 58 22.18 -2.32 46.87
C LEU A 58 23.18 -1.56 47.75
N ALA A 59 24.03 -2.29 48.49
CA ALA A 59 25.04 -1.61 49.33
C ALA A 59 26.04 -0.80 48.51
N GLU A 60 26.25 -1.12 47.23
CA GLU A 60 27.28 -0.51 46.41
C GLU A 60 26.75 0.48 45.36
N VAL A 61 25.47 0.87 45.39
CA VAL A 61 24.92 1.73 44.35
C VAL A 61 24.02 2.81 44.93
N ASP A 62 23.79 3.84 44.09
CA ASP A 62 22.82 4.89 44.32
C ASP A 62 21.52 4.70 43.53
N ALA A 63 21.58 4.13 42.33
CA ALA A 63 20.35 3.87 41.57
C ALA A 63 20.40 2.50 40.92
N VAL A 64 19.22 1.92 40.72
CA VAL A 64 19.13 0.67 39.98
C VAL A 64 18.00 0.75 38.96
N SER A 65 18.16 -0.05 37.91
CA SER A 65 17.03 -0.50 37.12
C SER A 65 16.54 -1.85 37.63
N ILE A 66 15.21 -2.00 37.73
CA ILE A 66 14.56 -3.24 38.14
C ILE A 66 13.86 -3.79 36.91
N VAL A 67 14.40 -4.90 36.38
CA VAL A 67 13.95 -5.49 35.14
C VAL A 67 13.59 -6.96 35.37
N THR A 68 13.01 -7.25 36.53
CA THR A 68 12.54 -8.58 36.89
C THR A 68 11.09 -8.77 36.43
N PRO A 69 10.53 -9.98 36.55
CA PRO A 69 9.12 -10.16 36.14
C PRO A 69 8.19 -9.27 36.95
N THR A 70 7.12 -8.82 36.29
CA THR A 70 6.26 -7.76 36.82
C THR A 70 5.71 -8.10 38.21
N SER A 71 5.29 -9.35 38.41
CA SER A 71 4.80 -9.79 39.72
C SER A 71 5.84 -9.65 40.82
N THR A 72 7.13 -9.50 40.47
CA THR A 72 8.19 -9.31 41.46
C THR A 72 8.58 -7.86 41.68
N HIS A 73 8.05 -6.93 40.87
CA HIS A 73 8.46 -5.53 40.94
C HIS A 73 8.28 -4.96 42.33
N PHE A 74 7.12 -5.22 42.94
CA PHE A 74 6.85 -4.66 44.26
C PHE A 74 7.87 -5.12 45.30
N ALA A 75 8.06 -6.42 45.44
CA ALA A 75 8.97 -6.90 46.47
C ALA A 75 10.38 -6.38 46.25
N VAL A 76 10.84 -6.38 44.98
CA VAL A 76 12.21 -5.96 44.72
C VAL A 76 12.36 -4.46 44.93
N ALA A 77 11.42 -3.66 44.42
CA ALA A 77 11.47 -2.22 44.61
C ALA A 77 11.36 -1.86 46.06
N GLU A 78 10.56 -2.60 46.82
CA GLU A 78 10.49 -2.38 48.26
C GLU A 78 11.85 -2.55 48.91
N VAL A 79 12.56 -3.65 48.57
CA VAL A 79 13.88 -3.85 49.16
C VAL A 79 14.84 -2.74 48.71
N ALA A 80 14.74 -2.34 47.45
CA ALA A 80 15.68 -1.34 46.92
C ALA A 80 15.45 0.02 47.56
N MET A 81 14.19 0.40 47.79
CA MET A 81 13.92 1.68 48.42
C MET A 81 14.18 1.66 49.91
N GLN A 82 14.04 0.50 50.57
CA GLN A 82 14.40 0.42 51.98
C GLN A 82 15.87 0.73 52.19
N ALA A 83 16.69 0.44 51.20
CA ALA A 83 18.12 0.75 51.17
C ALA A 83 18.42 2.16 50.66
N GLY A 84 17.42 3.03 50.58
CA GLY A 84 17.65 4.40 50.11
C GLY A 84 18.19 4.48 48.70
N VAL A 85 17.83 3.53 47.83
CA VAL A 85 18.33 3.45 46.47
C VAL A 85 17.22 3.89 45.51
N HIS A 86 17.53 4.84 44.62
CA HIS A 86 16.56 5.26 43.60
C HIS A 86 16.30 4.15 42.59
N CYS A 87 15.10 4.16 41.99
CA CYS A 87 14.63 3.04 41.18
C CYS A 87 14.03 3.49 39.85
N LEU A 88 14.51 2.89 38.77
CA LEU A 88 13.82 2.88 37.48
C LEU A 88 13.24 1.47 37.28
N ILE A 89 11.91 1.35 37.32
CA ILE A 89 11.23 0.07 37.21
C ILE A 89 10.74 -0.11 35.78
N GLU A 90 11.07 -1.24 35.16
CA GLU A 90 10.54 -1.49 33.83
C GLU A 90 9.02 -1.51 33.86
N LYS A 91 8.39 -1.08 32.78
CA LYS A 91 6.95 -1.17 32.69
C LYS A 91 6.52 -2.63 32.50
N PRO A 92 5.36 -3.02 33.02
CA PRO A 92 4.49 -2.19 33.86
C PRO A 92 4.94 -2.11 35.31
N PHE A 93 4.54 -1.02 35.95
CA PHE A 93 4.90 -0.70 37.34
C PHE A 93 4.74 -1.91 38.26
N THR A 94 3.51 -2.40 38.40
CA THR A 94 3.18 -3.50 39.32
C THR A 94 2.02 -4.30 38.74
N LEU A 95 1.49 -5.22 39.55
CA LEU A 95 0.33 -6.01 39.14
C LEU A 95 -0.98 -5.33 39.48
N ASP A 96 -1.00 -4.50 40.52
CA ASP A 96 -2.21 -3.82 40.95
C ASP A 96 -1.86 -2.46 41.51
N THR A 97 -2.87 -1.62 41.69
CA THR A 97 -2.66 -0.23 42.04
C THR A 97 -2.31 -0.02 43.51
N GLU A 98 -2.56 -1.01 44.36
CA GLU A 98 -2.22 -0.90 45.77
C GLU A 98 -0.72 -1.04 46.00
N GLU A 99 -0.07 -1.96 45.26
CA GLU A 99 1.39 -2.02 45.27
C GLU A 99 1.99 -0.72 44.77
N ALA A 100 1.41 -0.15 43.70
CA ALA A 100 1.90 1.11 43.16
C ALA A 100 1.73 2.25 44.16
N ASP A 101 0.57 2.30 44.84
CA ASP A 101 0.34 3.26 45.91
C ASP A 101 1.40 3.15 46.99
N ALA A 102 1.69 1.93 47.43
CA ALA A 102 2.67 1.72 48.50
C ALA A 102 4.07 2.18 48.07
N LEU A 103 4.47 1.85 46.83
CA LEU A 103 5.82 2.24 46.45
C LEU A 103 5.93 3.75 46.24
N ILE A 104 4.88 4.39 45.73
CA ILE A 104 4.86 5.85 45.65
C ILE A 104 5.02 6.45 47.04
N GLY A 105 4.27 5.92 48.02
CA GLY A 105 4.40 6.44 49.38
C GLY A 105 5.79 6.25 49.94
N MET A 106 6.34 5.05 49.82
CA MET A 106 7.68 4.79 50.36
C MET A 106 8.73 5.66 49.67
N ALA A 107 8.54 5.93 48.37
CA ALA A 107 9.47 6.78 47.63
C ALA A 107 9.42 8.19 48.15
N GLN A 108 8.21 8.72 48.35
CA GLN A 108 8.08 10.07 48.88
C GLN A 108 8.68 10.18 50.28
N GLU A 109 8.41 9.19 51.15
CA GLU A 109 9.00 9.20 52.48
C GLU A 109 10.52 9.18 52.41
N ARG A 110 11.08 8.46 51.46
CA ARG A 110 12.53 8.34 51.37
C ARG A 110 13.18 9.44 50.54
N HIS A 111 12.38 10.32 49.93
CA HIS A 111 12.88 11.33 49.01
C HIS A 111 13.72 10.69 47.91
N LEU A 112 13.17 9.66 47.29
CA LEU A 112 13.80 8.91 46.22
C LEU A 112 13.12 9.21 44.89
N VAL A 113 13.89 9.13 43.80
CA VAL A 113 13.32 9.23 42.46
C VAL A 113 12.76 7.87 42.09
N LEU A 114 11.51 7.86 41.65
CA LEU A 114 10.81 6.66 41.21
C LEU A 114 10.41 6.89 39.77
N ALA A 115 11.00 6.11 38.86
CA ALA A 115 10.70 6.21 37.44
C ALA A 115 10.23 4.85 36.95
N ILE A 116 9.27 4.87 36.03
CA ILE A 116 8.76 3.68 35.38
C ILE A 116 9.24 3.69 33.94
N GLY A 117 9.67 2.54 33.44
CA GLY A 117 10.18 2.42 32.09
C GLY A 117 9.15 2.46 30.97
N HIS A 118 8.54 3.63 30.74
CA HIS A 118 7.57 3.80 29.67
C HIS A 118 8.29 4.44 28.49
N ILE A 119 8.97 3.58 27.74
CA ILE A 119 9.97 3.99 26.75
C ILE A 119 9.39 4.88 25.65
N LYS A 120 8.13 4.69 25.26
CA LYS A 120 7.46 5.37 24.12
C LYS A 120 7.40 6.88 24.35
N ARG A 121 7.51 7.31 25.59
CA ARG A 121 7.50 8.73 25.86
C ARG A 121 8.73 9.42 25.29
N VAL A 122 9.86 8.72 25.18
CA VAL A 122 11.08 9.35 24.67
C VAL A 122 11.29 9.05 23.18
N HIS A 123 10.30 8.41 22.54
CA HIS A 123 10.36 8.21 21.10
C HIS A 123 10.49 9.55 20.39
N PRO A 124 11.32 9.64 19.34
CA PRO A 124 11.55 10.95 18.69
C PRO A 124 10.28 11.63 18.19
N ALA A 125 9.32 10.87 17.68
CA ALA A 125 8.09 11.47 17.17
C ALA A 125 7.28 12.09 18.31
N ILE A 126 7.25 11.42 19.46
CA ILE A 126 6.47 11.94 20.59
C ILE A 126 7.15 13.17 21.16
N GLN A 127 8.49 13.17 21.23
CA GLN A 127 9.19 14.34 21.73
C GLN A 127 8.94 15.53 20.82
N TYR A 128 8.98 15.31 19.51
CA TYR A 128 8.72 16.38 18.57
C TYR A 128 7.31 16.93 18.73
N LEU A 129 6.32 16.03 18.87
CA LEU A 129 4.94 16.49 18.95
C LEU A 129 4.66 17.20 20.26
N ARG A 130 5.31 16.75 21.34
CA ARG A 130 5.18 17.48 22.60
C ARG A 130 5.81 18.87 22.47
N GLN A 131 6.97 18.97 21.81
CA GLN A 131 7.61 20.28 21.66
C GLN A 131 6.86 21.19 20.70
N ALA A 132 6.01 20.64 19.81
CA ALA A 132 5.20 21.47 18.94
C ALA A 132 4.03 22.15 19.67
N GLY A 133 3.68 21.72 20.88
CA GLY A 133 2.63 22.38 21.65
C GLY A 133 1.27 22.48 20.96
N PHE A 134 0.78 21.36 20.43
CA PHE A 134 -0.51 21.33 19.75
C PHE A 134 -1.70 21.26 20.70
N GLY A 135 -1.49 21.09 21.98
CA GLY A 135 -2.61 20.87 22.88
C GLY A 135 -3.04 19.43 22.90
N ALA A 136 -4.04 19.15 23.72
CA ALA A 136 -4.59 17.82 23.82
C ALA A 136 -5.23 17.40 22.51
N PRO A 137 -4.83 16.27 21.92
CA PRO A 137 -5.56 15.75 20.75
C PRO A 137 -7.00 15.47 21.10
N ARG A 138 -7.86 15.56 20.09
CA ARG A 138 -9.27 15.24 20.25
C ARG A 138 -9.55 13.77 20.00
N TYR A 139 -8.78 13.12 19.11
CA TYR A 139 -8.95 11.70 18.85
C TYR A 139 -7.59 11.04 18.63
N LEU A 140 -7.38 9.85 19.21
CA LEU A 140 -6.19 9.05 18.93
C LEU A 140 -6.60 7.64 18.49
N GLU A 141 -5.94 7.15 17.44
CA GLU A 141 -6.19 5.83 16.86
C GLU A 141 -4.84 5.13 16.75
N ALA A 142 -4.68 3.99 17.40
CA ALA A 142 -3.36 3.37 17.42
C ALA A 142 -3.44 1.87 17.19
N GLU A 143 -2.36 1.33 16.60
CA GLU A 143 -2.19 -0.11 16.40
C GLU A 143 -0.81 -0.55 16.86
N ARG A 144 -0.76 -1.57 17.72
CA ARG A 144 0.49 -2.19 18.15
C ARG A 144 0.35 -3.69 17.94
N LEU A 145 0.88 -4.17 16.83
CA LEU A 145 0.69 -5.52 16.33
C LEU A 145 2.04 -6.20 16.26
N ALA A 146 2.19 -7.31 17.00
CA ALA A 146 3.43 -8.05 17.04
C ALA A 146 3.25 -9.45 16.48
N PRO A 147 4.20 -9.95 15.69
CA PRO A 147 4.08 -11.32 15.19
C PRO A 147 4.18 -12.33 16.32
N PHE A 148 3.52 -13.46 16.13
CA PHE A 148 3.58 -14.53 17.13
C PHE A 148 4.96 -15.16 17.13
N LYS A 149 5.61 -15.16 18.28
CA LYS A 149 6.94 -15.72 18.49
C LYS A 149 6.88 -16.79 19.56
N PRO A 150 7.92 -17.64 19.67
CA PRO A 150 7.85 -18.72 20.67
C PRO A 150 7.47 -18.24 22.07
N ARG A 151 7.81 -17.01 22.41
CA ARG A 151 7.53 -16.47 23.74
C ARG A 151 6.21 -15.71 23.82
N SER A 152 5.47 -15.59 22.71
CA SER A 152 4.33 -14.67 22.69
C SER A 152 3.23 -15.06 23.69
N LEU A 153 3.18 -16.31 24.11
CA LEU A 153 2.18 -16.72 25.07
C LEU A 153 2.33 -16.01 26.41
N ASP A 154 3.52 -15.46 26.69
CA ASP A 154 3.72 -14.67 27.89
C ASP A 154 3.64 -13.17 27.63
N ILE A 155 3.10 -12.76 26.49
CA ILE A 155 2.90 -11.35 26.16
C ILE A 155 1.45 -11.01 26.52
N ASP A 156 1.26 -10.20 27.57
CA ASP A 156 -0.07 -9.74 27.92
C ASP A 156 -0.46 -8.63 26.96
N VAL A 157 -1.46 -8.89 26.12
CA VAL A 157 -1.81 -8.00 25.03
C VAL A 157 -2.13 -6.58 25.52
N ILE A 158 -2.73 -6.45 26.70
CA ILE A 158 -3.02 -5.15 27.28
C ILE A 158 -1.83 -4.60 28.07
N MET A 159 -1.31 -5.39 29.02
CA MET A 159 -0.28 -4.92 29.96
C MET A 159 1.10 -4.81 29.35
N ASP A 160 1.38 -5.54 28.26
CA ASP A 160 2.70 -5.49 27.63
C ASP A 160 2.72 -4.78 26.27
N LEU A 161 1.57 -4.62 25.61
CA LEU A 161 1.51 -3.93 24.32
C LEU A 161 0.67 -2.66 24.41
N MET A 162 -0.60 -2.78 24.76
CA MET A 162 -1.50 -1.64 24.65
C MET A 162 -1.14 -0.55 25.64
N ILE A 163 -0.50 -0.91 26.74
CA ILE A 163 -0.19 0.04 27.79
C ILE A 163 0.68 1.18 27.26
N HIS A 164 1.45 0.94 26.19
CA HIS A 164 2.22 2.01 25.57
C HIS A 164 1.32 3.14 25.08
N ASP A 165 0.31 2.78 24.29
CA ASP A 165 -0.55 3.79 23.71
C ASP A 165 -1.58 4.30 24.70
N LEU A 166 -1.99 3.48 25.67
CA LEU A 166 -2.74 4.03 26.79
C LEU A 166 -1.96 5.14 27.49
N ASP A 167 -0.66 4.91 27.75
CA ASP A 167 0.15 5.91 28.42
C ASP A 167 0.30 7.15 27.56
N LEU A 168 0.60 6.98 26.28
CA LEU A 168 0.71 8.11 25.37
C LEU A 168 -0.56 8.93 25.36
N THR A 169 -1.70 8.26 25.34
CA THR A 169 -3.00 8.92 25.40
C THR A 169 -3.10 9.78 26.65
N LEU A 170 -2.84 9.18 27.82
CA LEU A 170 -2.98 9.94 29.05
C LEU A 170 -2.02 11.12 29.08
N LEU A 171 -0.83 10.97 28.48
CA LEU A 171 0.17 12.03 28.54
C LEU A 171 -0.17 13.17 27.58
N LEU A 172 -0.46 12.85 26.33
CA LEU A 172 -0.79 13.89 25.36
C LEU A 172 -2.04 14.63 25.74
N THR A 173 -3.02 13.96 26.37
CA THR A 173 -4.25 14.66 26.74
C THR A 173 -4.18 15.32 28.11
N GLY A 174 -3.46 14.73 29.05
CA GLY A 174 -3.54 15.25 30.41
C GLY A 174 -4.88 15.02 31.07
N ALA A 175 -5.69 14.11 30.54
CA ALA A 175 -7.03 13.87 31.03
C ALA A 175 -7.13 12.49 31.68
N GLU A 176 -8.28 12.23 32.31
CA GLU A 176 -8.57 10.97 32.99
C GLU A 176 -9.72 10.23 32.32
N PRO A 177 -9.67 8.89 32.28
CA PRO A 177 -10.74 8.14 31.62
C PRO A 177 -12.06 8.25 32.38
N VAL A 178 -13.14 8.42 31.60
CA VAL A 178 -14.50 8.38 32.11
C VAL A 178 -15.20 7.09 31.73
N ASP A 179 -14.86 6.51 30.57
CA ASP A 179 -15.53 5.32 30.09
C ASP A 179 -14.51 4.49 29.34
N VAL A 180 -14.52 3.19 29.60
CA VAL A 180 -13.67 2.25 28.87
C VAL A 180 -14.55 1.11 28.38
N ARG A 181 -14.52 0.86 27.08
CA ARG A 181 -15.15 -0.31 26.51
C ARG A 181 -14.10 -1.01 25.69
N ALA A 182 -14.25 -2.32 25.52
CA ALA A 182 -13.21 -3.09 24.85
C ALA A 182 -13.80 -4.37 24.30
N VAL A 183 -13.09 -4.94 23.32
CA VAL A 183 -13.37 -6.25 22.79
C VAL A 183 -12.06 -7.02 22.74
N GLY A 184 -12.18 -8.34 22.75
CA GLY A 184 -11.02 -9.21 22.69
C GLY A 184 -11.31 -10.42 21.82
N VAL A 185 -10.25 -10.96 21.24
CA VAL A 185 -10.31 -12.19 20.45
C VAL A 185 -9.21 -13.13 20.97
N ALA A 186 -9.61 -14.33 21.37
CA ALA A 186 -8.73 -15.37 21.91
C ALA A 186 -8.72 -16.54 20.93
N ALA A 187 -7.64 -16.68 20.18
CA ALA A 187 -7.48 -17.79 19.24
C ALA A 187 -6.66 -18.95 19.80
N VAL A 188 -5.51 -18.66 20.41
CA VAL A 188 -4.61 -19.74 20.83
C VAL A 188 -5.07 -20.35 22.15
N THR A 189 -5.43 -19.48 23.10
CA THR A 189 -5.84 -19.88 24.44
C THR A 189 -7.13 -19.17 24.81
N ASP A 190 -7.49 -19.21 26.10
CA ASP A 190 -8.56 -18.37 26.65
C ASP A 190 -8.14 -16.92 26.85
N LYS A 191 -6.83 -16.62 26.79
CA LYS A 191 -6.33 -15.26 26.93
C LYS A 191 -6.41 -14.54 25.60
N ALA A 192 -6.71 -13.24 25.65
CA ALA A 192 -6.84 -12.47 24.42
C ALA A 192 -5.56 -12.53 23.61
N ASP A 193 -5.69 -12.81 22.31
CA ASP A 193 -4.57 -12.62 21.40
C ASP A 193 -4.61 -11.28 20.70
N MET A 194 -5.79 -10.67 20.65
CA MET A 194 -5.90 -9.30 20.16
C MET A 194 -6.98 -8.62 20.97
N ALA A 195 -6.80 -7.33 21.21
CA ALA A 195 -7.82 -6.57 21.89
C ALA A 195 -7.88 -5.18 21.28
N THR A 196 -9.04 -4.54 21.47
CA THR A 196 -9.23 -3.18 21.02
C THR A 196 -10.08 -2.48 22.06
N ALA A 197 -9.59 -1.34 22.52
CA ALA A 197 -10.27 -0.54 23.52
C ALA A 197 -10.70 0.79 22.93
N TRP A 198 -11.80 1.30 23.46
CA TRP A 198 -12.44 2.56 23.08
C TRP A 198 -12.66 3.31 24.38
N MET A 199 -11.84 4.33 24.60
CA MET A 199 -11.69 5.01 25.87
C MET A 199 -12.14 6.46 25.69
N THR A 200 -13.04 6.90 26.55
CA THR A 200 -13.45 8.31 26.59
C THR A 200 -12.90 8.94 27.86
N LEU A 201 -12.14 10.03 27.68
CA LEU A 201 -11.51 10.77 28.77
C LEU A 201 -12.39 11.94 29.18
N ASN A 202 -12.02 12.57 30.31
CA ASN A 202 -12.89 13.58 30.90
C ASN A 202 -12.79 14.94 30.24
N ASN A 203 -11.94 15.11 29.22
CA ASN A 203 -11.93 16.29 28.38
C ASN A 203 -12.66 16.05 27.07
N GLY A 204 -13.35 14.91 26.94
CA GLY A 204 -14.00 14.50 25.71
C GLY A 204 -13.13 13.80 24.68
N THR A 205 -11.82 13.65 24.91
CA THR A 205 -10.98 12.90 23.97
C THR A 205 -11.36 11.42 23.93
N VAL A 206 -11.29 10.83 22.74
CA VAL A 206 -11.56 9.42 22.52
C VAL A 206 -10.28 8.77 22.02
N ALA A 207 -9.93 7.63 22.61
CA ALA A 207 -8.78 6.82 22.18
C ALA A 207 -9.27 5.46 21.73
N ASN A 208 -8.84 5.03 20.55
CA ASN A 208 -9.29 3.80 19.90
C ASN A 208 -8.03 2.98 19.63
N LEU A 209 -7.69 2.07 20.57
CA LEU A 209 -6.38 1.47 20.67
C LEU A 209 -6.44 -0.04 20.44
N ALA A 210 -5.69 -0.52 19.44
CA ALA A 210 -5.66 -1.93 19.09
C ALA A 210 -4.30 -2.53 19.40
N ALA A 211 -4.30 -3.78 19.85
CA ALA A 211 -3.04 -4.49 20.09
C ALA A 211 -3.24 -5.96 19.74
N SER A 212 -2.19 -6.58 19.20
CA SER A 212 -2.23 -7.98 18.78
C SER A 212 -0.84 -8.61 18.92
N ARG A 213 -0.83 -9.89 19.28
CA ARG A 213 0.40 -10.67 19.35
C ARG A 213 0.45 -11.81 18.34
N VAL A 214 -0.44 -11.81 17.34
CA VAL A 214 -0.49 -12.89 16.37
C VAL A 214 -0.51 -12.41 14.92
N VAL A 215 0.07 -11.23 14.63
CA VAL A 215 -0.01 -10.75 13.25
C VAL A 215 1.10 -11.36 12.40
N ARG A 216 1.02 -11.18 11.08
CA ARG A 216 2.09 -11.61 10.19
C ARG A 216 3.33 -10.72 10.35
N GLU A 217 3.19 -9.44 10.04
CA GLU A 217 4.31 -8.52 10.15
C GLU A 217 4.05 -7.46 11.22
N PRO A 218 5.10 -6.98 11.89
CA PRO A 218 4.92 -5.98 12.94
C PRO A 218 4.27 -4.71 12.40
N ALA A 219 3.56 -4.01 13.28
CA ALA A 219 2.96 -2.72 12.93
C ALA A 219 2.81 -1.90 14.22
N ARG A 220 3.41 -0.71 14.24
CA ARG A 220 3.42 0.18 15.40
C ARG A 220 3.10 1.57 14.87
N ARG A 221 1.82 1.93 14.87
CA ARG A 221 1.37 3.17 14.26
C ARG A 221 0.39 3.90 15.18
N MET A 222 0.34 5.23 15.02
CA MET A 222 -0.61 6.06 15.74
C MET A 222 -1.01 7.25 14.87
N ARG A 223 -2.30 7.40 14.63
CA ARG A 223 -2.84 8.59 14.03
C ARG A 223 -3.49 9.45 15.12
N ILE A 224 -3.28 10.76 15.04
CA ILE A 224 -3.66 11.70 16.08
C ILE A 224 -4.38 12.86 15.41
N PHE A 225 -5.54 13.22 15.93
CA PHE A 225 -6.41 14.24 15.36
C PHE A 225 -6.64 15.36 16.37
N TRP A 226 -6.22 16.57 15.98
CA TRP A 226 -6.61 17.82 16.62
C TRP A 226 -7.64 18.50 15.73
N GLN A 227 -8.16 19.63 16.21
CA GLN A 227 -9.16 20.37 15.45
C GLN A 227 -8.60 20.89 14.12
N ASP A 228 -7.28 21.08 14.02
CA ASP A 228 -6.73 21.66 12.81
C ASP A 228 -5.52 20.90 12.28
N ARG A 229 -5.24 19.70 12.79
CA ARG A 229 -4.04 18.97 12.40
C ARG A 229 -4.32 17.48 12.40
N TYR A 230 -3.51 16.76 11.62
CA TYR A 230 -3.50 15.30 11.65
C TYR A 230 -2.07 14.82 11.66
N ALA A 231 -1.68 14.09 12.70
CA ALA A 231 -0.35 13.52 12.81
C ALA A 231 -0.42 12.01 12.61
N SER A 232 0.40 11.48 11.71
CA SER A 232 0.54 10.05 11.50
C SER A 232 1.96 9.66 11.89
N VAL A 233 2.09 8.72 12.82
CA VAL A 233 3.37 8.30 13.36
C VAL A 233 3.54 6.81 13.06
N ASP A 234 4.63 6.47 12.37
CA ASP A 234 5.12 5.10 12.25
C ASP A 234 6.26 4.96 13.23
N PHE A 235 5.96 4.39 14.40
CA PHE A 235 6.96 4.19 15.44
C PHE A 235 8.08 3.28 14.95
N LEU A 236 7.72 2.20 14.24
CA LEU A 236 8.72 1.23 13.80
C LEU A 236 9.71 1.86 12.83
N ASN A 237 9.19 2.50 11.79
CA ASN A 237 10.04 3.10 10.77
C ASN A 237 10.50 4.50 11.13
N ASN A 238 10.10 5.02 12.30
CA ASN A 238 10.52 6.31 12.83
C ASN A 238 10.17 7.47 11.88
N THR A 239 8.92 7.48 11.41
CA THR A 239 8.46 8.57 10.53
C THR A 239 7.26 9.29 11.12
N LEU A 240 7.16 10.59 10.81
CA LEU A 240 6.08 11.43 11.30
C LEU A 240 5.59 12.36 10.19
N HIS A 241 4.28 12.41 10.00
CA HIS A 241 3.66 13.27 9.00
C HIS A 241 2.56 14.09 9.65
N ILE A 242 2.55 15.39 9.36
CA ILE A 242 1.58 16.32 9.94
C ILE A 242 0.86 17.02 8.80
N TYR A 243 -0.46 16.90 8.77
CA TYR A 243 -1.28 17.54 7.75
C TYR A 243 -1.98 18.72 8.38
N HIS A 244 -1.95 19.86 7.69
N HIS A 244 -1.95 19.85 7.68
CA HIS A 244 -2.76 21.01 8.08
CA HIS A 244 -2.77 21.02 8.09
C HIS A 244 -3.43 21.61 6.84
C HIS A 244 -3.48 21.56 6.85
N ARG A 245 -4.52 22.35 7.03
CA ARG A 245 -5.25 22.89 5.88
C ARG A 245 -4.38 23.89 5.11
N GLY A 246 -4.13 23.59 3.83
CA GLY A 246 -3.01 24.21 3.10
C GLY A 246 -3.14 24.40 1.60
N ALA A 247 -2.10 23.99 0.86
CA ALA A 247 -1.89 24.39 -0.53
C ALA A 247 -1.61 23.21 -1.47
N GLY A 248 -2.34 22.11 -1.32
CA GLY A 248 -2.52 21.15 -2.42
C GLY A 248 -1.38 20.32 -3.01
N THR A 249 -0.87 19.36 -2.26
CA THR A 249 -0.02 18.30 -2.83
C THR A 249 -0.54 16.89 -2.51
N VAL A 250 -1.55 16.76 -1.64
CA VAL A 250 -1.92 15.48 -1.08
C VAL A 250 -2.97 14.83 -1.97
N PRO A 251 -2.68 13.64 -2.55
CA PRO A 251 -3.65 13.00 -3.45
C PRO A 251 -4.84 12.46 -2.67
N GLY A 252 -6.04 12.72 -3.17
CA GLY A 252 -7.27 12.25 -2.55
C GLY A 252 -7.76 13.09 -1.39
N ILE A 253 -6.96 14.03 -0.90
CA ILE A 253 -7.37 14.92 0.19
C ILE A 253 -7.13 16.36 -0.25
N PRO A 254 -8.17 17.09 -0.65
CA PRO A 254 -7.97 18.45 -1.16
C PRO A 254 -7.76 19.46 -0.05
N GLY A 255 -7.02 20.51 -0.39
CA GLY A 255 -6.83 21.67 0.50
C GLY A 255 -6.07 21.34 1.77
N VAL A 256 -5.02 20.54 1.67
CA VAL A 256 -4.22 20.15 2.83
C VAL A 256 -2.75 20.07 2.43
N ARG A 257 -1.89 20.40 3.37
CA ARG A 257 -0.45 20.30 3.22
C ARG A 257 0.06 19.21 4.15
N ASP A 258 0.85 18.30 3.58
CA ASP A 258 1.48 17.21 4.31
C ASP A 258 2.94 17.58 4.52
N GLU A 259 3.32 17.74 5.79
CA GLU A 259 4.69 18.02 6.16
C GLU A 259 5.31 16.74 6.72
N ALA A 260 6.28 16.24 5.99
CA ALA A 260 7.07 15.05 6.37
C ALA A 260 8.11 15.53 7.38
N VAL A 261 7.98 15.10 8.62
CA VAL A 261 8.87 15.60 9.71
C VAL A 261 10.18 14.82 9.75
N ASP A 262 11.27 15.56 9.71
CA ASP A 262 12.60 14.94 9.73
C ASP A 262 12.96 14.50 11.15
N LEU A 263 12.78 13.23 11.39
CA LEU A 263 13.08 12.64 12.74
C LEU A 263 14.45 11.99 12.77
N ALA A 264 15.19 12.26 13.83
CA ALA A 264 16.50 11.63 14.07
C ALA A 264 16.30 10.35 14.87
N LYS A 265 17.01 9.29 14.50
CA LYS A 265 16.94 8.03 15.28
C LYS A 265 17.90 8.16 16.46
N ARG A 266 17.44 7.88 17.67
CA ARG A 266 18.33 7.84 18.82
C ARG A 266 18.03 6.62 19.69
N ASP A 267 18.95 6.33 20.61
CA ASP A 267 18.81 5.22 21.54
C ASP A 267 17.76 5.58 22.59
N ALA A 268 16.59 4.93 22.54
CA ALA A 268 15.52 5.30 23.46
C ALA A 268 15.84 4.90 24.90
N LEU A 269 16.39 3.71 25.09
CA LEU A 269 16.64 3.23 26.44
C LEU A 269 17.80 4.00 27.09
N ALA A 270 18.85 4.30 26.31
CA ALA A 270 19.88 5.22 26.79
C ALA A 270 19.28 6.57 27.19
N ALA A 271 18.37 7.10 26.38
CA ALA A 271 17.74 8.39 26.69
C ALA A 271 16.97 8.31 28.01
N GLU A 272 16.20 7.25 28.18
CA GLU A 272 15.40 7.07 29.38
C GLU A 272 16.29 6.91 30.62
N ILE A 273 17.42 6.23 30.47
CA ILE A 273 18.28 6.04 31.63
C ILE A 273 19.02 7.31 31.97
N GLU A 274 19.50 8.05 30.95
CA GLU A 274 20.12 9.33 31.24
C GLU A 274 19.13 10.27 31.90
N ASP A 275 17.87 10.25 31.48
CA ASP A 275 16.87 11.09 32.12
C ASP A 275 16.69 10.71 33.59
N PHE A 276 16.57 9.42 33.88
CA PHE A 276 16.45 8.94 35.27
C PHE A 276 17.62 9.45 36.13
N LEU A 277 18.84 9.30 35.62
CA LEU A 277 20.01 9.69 36.42
C LEU A 277 20.12 11.22 36.56
N ASN A 278 19.74 11.96 35.52
CA ASN A 278 19.70 13.42 35.64
C ASN A 278 18.66 13.85 36.65
N ALA A 279 17.53 13.14 36.71
CA ALA A 279 16.51 13.50 37.69
C ALA A 279 17.06 13.34 39.10
N ILE A 280 17.79 12.26 39.35
CA ILE A 280 18.40 12.10 40.67
C ILE A 280 19.36 13.24 40.95
N ALA A 281 20.24 13.53 39.99
CA ALA A 281 21.38 14.43 40.23
C ALA A 281 21.03 15.92 40.21
N ALA A 282 19.97 16.32 39.50
CA ALA A 282 19.55 17.71 39.46
C ALA A 282 18.28 17.99 40.25
N HIS A 283 17.61 16.97 40.79
CA HIS A 283 16.28 17.12 41.37
C HIS A 283 15.30 17.74 40.38
N ARG A 284 15.37 17.31 39.12
CA ARG A 284 14.34 17.71 38.17
C ARG A 284 13.40 16.54 37.90
N PRO A 285 12.18 16.81 37.42
CA PRO A 285 11.20 15.73 37.29
C PRO A 285 11.57 14.75 36.18
N VAL A 286 11.30 13.48 36.44
CA VAL A 286 11.70 12.42 35.55
C VAL A 286 10.65 12.23 34.46
N PHE A 287 11.05 11.60 33.35
CA PHE A 287 10.17 11.51 32.18
C PHE A 287 8.86 10.77 32.48
N CYS A 288 8.89 9.78 33.38
CA CYS A 288 7.66 9.10 33.79
C CYS A 288 7.85 8.64 35.22
N ASP A 289 7.10 9.24 36.16
CA ASP A 289 7.30 8.90 37.56
C ASP A 289 6.28 7.85 38.01
N GLY A 290 6.34 7.50 39.31
CA GLY A 290 5.44 6.50 39.85
C GLY A 290 3.97 6.87 39.67
N VAL A 291 3.65 8.16 39.83
CA VAL A 291 2.27 8.62 39.73
C VAL A 291 1.71 8.34 38.34
N ALA A 292 2.47 8.71 37.32
CA ALA A 292 2.06 8.44 35.95
C ALA A 292 2.00 6.94 35.65
N GLY A 293 2.98 6.19 36.17
CA GLY A 293 2.96 4.75 35.98
C GLY A 293 1.68 4.13 36.52
N ARG A 294 1.28 4.55 37.72
CA ARG A 294 0.04 4.05 38.33
C ARG A 294 -1.19 4.51 37.56
N ARG A 295 -1.20 5.76 37.08
CA ARG A 295 -2.31 6.24 36.24
C ARG A 295 -2.54 5.29 35.07
N VAL A 296 -1.48 5.03 34.29
CA VAL A 296 -1.66 4.14 33.11
C VAL A 296 -1.96 2.72 33.57
N LEU A 297 -1.39 2.27 34.69
CA LEU A 297 -1.66 0.93 35.20
C LEU A 297 -3.14 0.74 35.52
N ALA A 298 -3.75 1.74 36.17
CA ALA A 298 -5.19 1.67 36.47
C ALA A 298 -6.03 1.66 35.19
N ALA A 299 -5.67 2.48 34.22
CA ALA A 299 -6.36 2.42 32.93
C ALA A 299 -6.21 1.05 32.28
N ALA A 300 -5.01 0.49 32.30
CA ALA A 300 -4.79 -0.77 31.61
C ALA A 300 -5.57 -1.89 32.30
N LEU A 301 -5.65 -1.84 33.63
CA LEU A 301 -6.46 -2.83 34.33
C LEU A 301 -7.94 -2.68 33.98
N GLN A 302 -8.43 -1.44 33.83
CA GLN A 302 -9.80 -1.27 33.35
C GLN A 302 -10.00 -1.91 31.99
N VAL A 303 -9.07 -1.67 31.06
CA VAL A 303 -9.19 -2.27 29.75
C VAL A 303 -9.19 -3.80 29.86
N ARG A 304 -8.25 -4.36 30.62
CA ARG A 304 -8.13 -5.81 30.70
C ARG A 304 -9.39 -6.43 31.30
N VAL A 305 -9.96 -5.81 32.33
CA VAL A 305 -11.18 -6.32 32.91
C VAL A 305 -12.29 -6.32 31.87
N ALA A 306 -12.37 -5.25 31.09
CA ALA A 306 -13.37 -5.19 30.03
C ALA A 306 -13.15 -6.27 29.00
N VAL A 307 -11.89 -6.54 28.65
CA VAL A 307 -11.58 -7.54 27.64
C VAL A 307 -11.97 -8.93 28.14
N GLU A 308 -11.55 -9.26 29.36
CA GLU A 308 -11.91 -10.56 29.92
C GLU A 308 -13.42 -10.69 30.09
N ALA A 309 -14.13 -9.57 30.32
CA ALA A 309 -15.59 -9.66 30.40
C ALA A 309 -16.19 -9.96 29.04
N PHE A 310 -15.74 -9.27 27.98
CA PHE A 310 -16.18 -9.61 26.63
C PHE A 310 -15.96 -11.08 26.33
N LEU A 311 -14.76 -11.60 26.66
CA LEU A 311 -14.42 -12.95 26.22
C LEU A 311 -15.20 -14.02 26.96
N GLN A 312 -15.68 -13.68 28.15
CA GLN A 312 -16.33 -14.68 29.04
C GLN A 312 -17.83 -14.80 28.81
N ARG A 313 -18.47 -13.83 28.19
CA ARG A 313 -19.93 -13.82 27.98
C ARG A 313 -20.37 -15.06 27.20
N ILE B 2 -38.80 -12.16 -17.25
CA ILE B 2 -39.74 -11.91 -16.16
C ILE B 2 -41.19 -11.46 -16.37
N HIS B 3 -41.50 -11.02 -17.58
CA HIS B 3 -42.85 -10.61 -17.95
C HIS B 3 -43.43 -9.65 -16.90
N MET B 4 -42.81 -8.48 -16.82
CA MET B 4 -43.33 -7.47 -15.91
C MET B 4 -42.99 -6.09 -16.44
N ARG B 5 -43.93 -5.16 -16.27
CA ARG B 5 -43.79 -3.79 -16.75
C ARG B 5 -43.02 -3.00 -15.70
N THR B 6 -41.87 -2.47 -16.10
CA THR B 6 -40.96 -1.79 -15.19
C THR B 6 -40.68 -0.37 -15.67
N GLY B 7 -40.19 0.44 -14.73
CA GLY B 7 -39.76 1.80 -15.01
C GLY B 7 -38.76 2.30 -13.98
N VAL B 8 -38.05 3.37 -14.34
CA VAL B 8 -37.11 4.03 -13.42
C VAL B 8 -37.44 5.51 -13.34
N ILE B 9 -37.67 5.99 -12.13
CA ILE B 9 -37.89 7.41 -11.86
C ILE B 9 -36.56 7.98 -11.37
N GLY B 10 -35.91 8.81 -12.20
CA GLY B 10 -34.63 9.41 -11.88
C GLY B 10 -33.49 8.65 -12.54
N VAL B 11 -33.04 9.13 -13.70
CA VAL B 11 -32.11 8.37 -14.53
C VAL B 11 -30.80 9.12 -14.65
N GLY B 12 -30.34 9.69 -13.54
CA GLY B 12 -29.00 10.24 -13.47
C GLY B 12 -27.95 9.15 -13.44
N HIS B 13 -26.85 9.38 -12.71
CA HIS B 13 -25.67 8.54 -12.87
C HIS B 13 -25.98 7.06 -12.60
N LEU B 14 -26.78 6.77 -11.58
CA LEU B 14 -27.04 5.40 -11.17
C LEU B 14 -28.37 4.84 -11.71
N GLY B 15 -29.41 5.68 -11.74
CA GLY B 15 -30.69 5.28 -12.32
C GLY B 15 -30.55 4.82 -13.76
N ARG B 16 -29.60 5.39 -14.47
CA ARG B 16 -29.29 4.96 -15.85
C ARG B 16 -28.98 3.47 -15.81
N PHE B 17 -28.04 3.03 -14.99
CA PHE B 17 -27.72 1.60 -14.91
C PHE B 17 -28.94 0.76 -14.52
N HIS B 18 -29.72 1.23 -13.53
CA HIS B 18 -30.97 0.54 -13.18
C HIS B 18 -31.79 0.26 -14.44
N ALA B 19 -32.03 1.32 -15.23
CA ALA B 19 -32.83 1.22 -16.44
C ALA B 19 -32.24 0.22 -17.41
N GLN B 20 -30.89 0.20 -17.53
CA GLN B 20 -30.24 -0.79 -18.40
C GLN B 20 -30.56 -2.23 -17.96
N LYS B 21 -30.43 -2.50 -16.65
CA LYS B 21 -30.77 -3.82 -16.12
C LYS B 21 -32.23 -4.18 -16.44
N TYR B 22 -33.14 -3.24 -16.18
CA TYR B 22 -34.57 -3.46 -16.41
C TYR B 22 -34.84 -3.80 -17.87
N ALA B 23 -34.23 -3.06 -18.78
CA ALA B 23 -34.39 -3.37 -20.19
C ALA B 23 -33.86 -4.77 -20.51
N ALA B 24 -32.80 -5.20 -19.81
CA ALA B 24 -32.23 -6.53 -20.08
C ALA B 24 -33.15 -7.66 -19.63
N ILE B 25 -33.83 -7.54 -18.49
CA ILE B 25 -34.55 -8.69 -17.94
C ILE B 25 -36.07 -8.53 -17.91
N SER B 26 -36.61 -7.38 -18.29
CA SER B 26 -38.03 -7.13 -18.04
C SER B 26 -38.60 -6.37 -19.22
N GLN B 27 -39.81 -5.85 -19.05
CA GLN B 27 -40.45 -5.00 -20.06
C GLN B 27 -40.38 -3.59 -19.52
N LEU B 28 -39.29 -2.90 -19.86
CA LEU B 28 -39.09 -1.50 -19.48
C LEU B 28 -40.00 -0.66 -20.34
N ALA B 29 -41.08 -0.13 -19.74
CA ALA B 29 -41.91 0.82 -20.46
C ALA B 29 -41.14 2.11 -20.73
N GLY B 30 -40.44 2.59 -19.72
CA GLY B 30 -39.59 3.75 -19.90
C GLY B 30 -39.23 4.38 -18.58
N VAL B 31 -38.92 5.68 -18.62
CA VAL B 31 -38.31 6.37 -17.50
C VAL B 31 -38.96 7.74 -17.29
N PHE B 32 -38.76 8.30 -16.10
CA PHE B 32 -39.07 9.70 -15.88
C PHE B 32 -37.95 10.38 -15.09
N ASP B 33 -37.65 11.62 -15.46
CA ASP B 33 -36.63 12.41 -14.81
C ASP B 33 -37.05 13.88 -14.90
N GLU B 34 -36.70 14.64 -13.86
CA GLU B 34 -36.98 16.08 -13.87
C GLU B 34 -36.32 16.78 -15.04
N ASN B 35 -35.19 16.27 -15.51
CA ASN B 35 -34.46 16.83 -16.64
C ASN B 35 -34.90 16.10 -17.90
N ALA B 36 -35.68 16.79 -18.75
CA ALA B 36 -36.29 16.13 -19.88
C ALA B 36 -35.25 15.68 -20.91
N GLU B 37 -34.20 16.48 -21.09
CA GLU B 37 -33.09 16.07 -21.97
C GLU B 37 -32.47 14.75 -21.51
N ARG B 38 -32.31 14.58 -20.20
CA ARG B 38 -31.68 13.37 -19.64
C ARG B 38 -32.58 12.16 -19.85
N ALA B 39 -33.87 12.32 -19.56
CA ALA B 39 -34.84 11.27 -19.83
C ALA B 39 -34.85 10.87 -21.29
N ALA B 40 -34.82 11.85 -22.20
CA ALA B 40 -34.82 11.52 -23.61
C ALA B 40 -33.54 10.77 -24.01
N GLU B 41 -32.38 11.17 -23.47
CA GLU B 41 -31.14 10.44 -23.71
C GLU B 41 -31.29 8.96 -23.33
N VAL B 42 -31.74 8.70 -22.09
CA VAL B 42 -31.89 7.31 -21.63
C VAL B 42 -32.91 6.56 -22.48
N ALA B 43 -34.01 7.24 -22.82
CA ALA B 43 -35.07 6.59 -23.59
C ALA B 43 -34.58 6.18 -24.97
N ALA B 44 -33.87 7.08 -25.66
CA ALA B 44 -33.29 6.77 -26.95
C ALA B 44 -32.32 5.62 -26.87
N GLU B 45 -31.44 5.62 -25.85
CA GLU B 45 -30.51 4.52 -25.68
C GLU B 45 -31.23 3.18 -25.56
N LEU B 46 -32.26 3.12 -24.72
CA LEU B 46 -32.88 1.86 -24.38
C LEU B 46 -34.15 1.56 -25.17
N ARG B 47 -34.51 2.40 -26.15
CA ARG B 47 -35.71 2.22 -26.98
C ARG B 47 -36.96 2.07 -26.13
N CYS B 48 -37.11 2.96 -25.15
CA CYS B 48 -38.33 2.99 -24.36
C CYS B 48 -38.82 4.43 -24.35
N ARG B 49 -39.77 4.72 -23.49
CA ARG B 49 -40.38 6.03 -23.45
C ARG B 49 -39.74 6.90 -22.39
N ALA B 50 -39.61 8.19 -22.72
CA ALA B 50 -39.42 9.25 -21.75
C ALA B 50 -40.80 9.84 -21.49
N PHE B 51 -41.40 9.44 -20.37
CA PHE B 51 -42.73 9.89 -20.04
C PHE B 51 -42.72 11.38 -19.68
N PRO B 52 -43.84 12.06 -19.90
CA PRO B 52 -43.91 13.51 -19.59
C PRO B 52 -44.15 13.81 -18.12
N SER B 53 -44.68 12.85 -17.35
CA SER B 53 -44.79 13.03 -15.92
C SER B 53 -44.54 11.70 -15.23
N VAL B 54 -44.42 11.75 -13.91
CA VAL B 54 -44.22 10.50 -13.20
C VAL B 54 -45.55 9.72 -13.13
N ASP B 55 -46.69 10.43 -13.15
CA ASP B 55 -47.97 9.74 -13.16
C ASP B 55 -48.18 8.96 -14.46
N ALA B 56 -47.74 9.53 -15.58
CA ALA B 56 -47.80 8.82 -16.85
C ALA B 56 -47.01 7.52 -16.79
N LEU B 57 -45.79 7.57 -16.27
CA LEU B 57 -45.00 6.35 -16.12
C LEU B 57 -45.70 5.34 -15.22
N LEU B 58 -46.17 5.78 -14.05
CA LEU B 58 -46.73 4.84 -13.08
C LEU B 58 -48.00 4.19 -13.59
N ALA B 59 -48.77 4.88 -14.43
CA ALA B 59 -49.95 4.26 -15.04
C ALA B 59 -49.56 3.05 -15.88
N GLU B 60 -48.35 3.05 -16.41
CA GLU B 60 -47.92 2.11 -17.42
C GLU B 60 -47.09 0.94 -16.87
N VAL B 61 -46.84 0.87 -15.55
CA VAL B 61 -45.88 -0.10 -15.03
C VAL B 61 -46.41 -0.81 -13.80
N ASP B 62 -45.75 -1.93 -13.48
CA ASP B 62 -45.96 -2.67 -12.25
C ASP B 62 -44.88 -2.42 -11.21
N ALA B 63 -43.64 -2.18 -11.62
CA ALA B 63 -42.56 -2.01 -10.66
C ALA B 63 -41.65 -0.89 -11.13
N VAL B 64 -41.08 -0.16 -10.18
CA VAL B 64 -40.14 0.93 -10.48
C VAL B 64 -38.96 0.91 -9.54
N SER B 65 -37.80 1.30 -10.09
CA SER B 65 -36.70 1.84 -9.30
C SER B 65 -36.90 3.35 -9.09
N ILE B 66 -36.62 3.81 -7.88
CA ILE B 66 -36.60 5.23 -7.54
C ILE B 66 -35.16 5.60 -7.18
N VAL B 67 -34.50 6.33 -8.08
CA VAL B 67 -33.08 6.67 -7.97
C VAL B 67 -32.98 8.20 -8.01
N THR B 68 -33.90 8.87 -7.35
CA THR B 68 -33.87 10.30 -7.23
C THR B 68 -33.11 10.69 -5.97
N PRO B 69 -32.83 11.98 -5.76
CA PRO B 69 -32.11 12.37 -4.53
C PRO B 69 -32.87 11.94 -3.29
N THR B 70 -32.11 11.63 -2.23
CA THR B 70 -32.65 10.99 -1.04
C THR B 70 -33.79 11.80 -0.41
N SER B 71 -33.65 13.14 -0.41
CA SER B 71 -34.70 14.03 0.09
C SER B 71 -35.99 13.95 -0.71
N THR B 72 -35.96 13.42 -1.93
CA THR B 72 -37.20 13.25 -2.69
C THR B 72 -37.78 11.86 -2.55
N HIS B 73 -37.03 10.90 -1.94
CA HIS B 73 -37.47 9.51 -1.92
C HIS B 73 -38.88 9.38 -1.37
N PHE B 74 -39.16 10.08 -0.28
CA PHE B 74 -40.49 10.00 0.31
C PHE B 74 -41.55 10.40 -0.72
N ALA B 75 -41.48 11.64 -1.22
CA ALA B 75 -42.57 12.16 -2.04
C ALA B 75 -42.76 11.29 -3.27
N VAL B 76 -41.68 11.05 -4.02
CA VAL B 76 -41.76 10.15 -5.17
C VAL B 76 -42.41 8.83 -4.77
N ALA B 77 -41.86 8.16 -3.74
CA ALA B 77 -42.36 6.82 -3.44
C ALA B 77 -43.84 6.86 -3.05
N GLU B 78 -44.28 7.94 -2.41
CA GLU B 78 -45.67 8.01 -1.99
C GLU B 78 -46.61 8.05 -3.18
N VAL B 79 -46.19 8.70 -4.27
CA VAL B 79 -47.01 8.72 -5.47
C VAL B 79 -46.95 7.36 -6.17
N ALA B 80 -45.85 6.62 -6.00
CA ALA B 80 -45.75 5.33 -6.67
C ALA B 80 -46.68 4.31 -6.01
N MET B 81 -46.61 4.19 -4.69
CA MET B 81 -47.46 3.23 -3.99
C MET B 81 -48.92 3.66 -3.97
N GLN B 82 -49.15 4.96 -4.03
CA GLN B 82 -50.53 5.51 -4.14
C GLN B 82 -51.10 4.98 -5.47
N ALA B 83 -50.23 4.74 -6.46
CA ALA B 83 -50.62 4.13 -7.72
C ALA B 83 -50.56 2.60 -7.71
N GLY B 84 -50.29 1.97 -6.57
CA GLY B 84 -50.20 0.53 -6.53
C GLY B 84 -48.97 -0.06 -7.21
N VAL B 85 -47.86 0.68 -7.28
CA VAL B 85 -46.65 0.24 -7.96
C VAL B 85 -45.62 -0.22 -6.93
N HIS B 86 -45.06 -1.41 -7.14
CA HIS B 86 -43.92 -1.89 -6.35
C HIS B 86 -42.70 -0.98 -6.55
N CYS B 87 -41.90 -0.82 -5.48
CA CYS B 87 -40.81 0.17 -5.45
C CYS B 87 -39.51 -0.44 -4.92
N LEU B 88 -38.45 -0.36 -5.71
CA LEU B 88 -37.08 -0.51 -5.23
C LEU B 88 -36.49 0.91 -5.10
N ILE B 89 -36.33 1.36 -3.85
CA ILE B 89 -35.81 2.69 -3.56
C ILE B 89 -34.31 2.55 -3.32
N GLU B 90 -33.52 3.30 -4.08
CA GLU B 90 -32.08 3.25 -3.89
C GLU B 90 -31.72 3.76 -2.50
N LYS B 91 -30.65 3.20 -1.91
CA LYS B 91 -30.28 3.61 -0.55
C LYS B 91 -29.73 5.03 -0.54
N PRO B 92 -29.90 5.78 0.57
CA PRO B 92 -30.62 5.43 1.81
C PRO B 92 -32.13 5.56 1.66
N PHE B 93 -32.89 4.81 2.47
CA PHE B 93 -34.35 4.77 2.37
C PHE B 93 -34.93 6.18 2.29
N THR B 94 -34.80 6.95 3.37
CA THR B 94 -35.37 8.29 3.43
C THR B 94 -34.42 9.20 4.21
N LEU B 95 -34.86 10.44 4.48
CA LEU B 95 -34.09 11.31 5.34
C LEU B 95 -34.33 11.02 6.81
N ASP B 96 -35.52 10.53 7.16
CA ASP B 96 -35.81 10.30 8.58
C ASP B 96 -36.76 9.11 8.72
N THR B 97 -36.85 8.62 9.95
CA THR B 97 -37.62 7.41 10.19
C THR B 97 -39.13 7.63 10.07
N GLU B 98 -39.59 8.88 10.13
CA GLU B 98 -41.02 9.12 9.95
C GLU B 98 -41.45 8.86 8.51
N GLU B 99 -40.73 9.44 7.56
CA GLU B 99 -40.98 9.14 6.15
C GLU B 99 -40.95 7.62 5.91
N ALA B 100 -39.89 6.98 6.40
CA ALA B 100 -39.72 5.54 6.21
C ALA B 100 -40.90 4.76 6.79
N ASP B 101 -41.29 5.11 8.01
CA ASP B 101 -42.43 4.47 8.67
C ASP B 101 -43.69 4.61 7.84
N ALA B 102 -43.96 5.84 7.37
CA ALA B 102 -45.13 6.08 6.53
C ALA B 102 -45.14 5.17 5.32
N LEU B 103 -44.01 5.14 4.59
CA LEU B 103 -43.92 4.28 3.41
C LEU B 103 -44.08 2.80 3.76
N ILE B 104 -43.50 2.37 4.89
CA ILE B 104 -43.56 0.96 5.28
C ILE B 104 -45.01 0.55 5.49
N GLY B 105 -45.75 1.37 6.24
CA GLY B 105 -47.17 1.09 6.45
C GLY B 105 -47.98 1.15 5.17
N MET B 106 -47.67 2.10 4.28
CA MET B 106 -48.41 2.18 3.03
C MET B 106 -48.22 0.92 2.19
N ALA B 107 -46.98 0.44 2.09
CA ALA B 107 -46.73 -0.79 1.35
C ALA B 107 -47.44 -1.97 2.00
N GLN B 108 -47.40 -2.02 3.34
CA GLN B 108 -48.10 -3.10 4.06
C GLN B 108 -49.60 -3.09 3.74
N GLU B 109 -50.21 -1.90 3.79
CA GLU B 109 -51.65 -1.78 3.54
C GLU B 109 -52.01 -2.10 2.09
N ARG B 110 -51.10 -1.84 1.15
CA ARG B 110 -51.39 -2.07 -0.26
C ARG B 110 -50.81 -3.36 -0.82
N HIS B 111 -50.17 -4.18 0.03
CA HIS B 111 -49.61 -5.48 -0.38
C HIS B 111 -48.57 -5.35 -1.48
N LEU B 112 -47.74 -4.31 -1.41
CA LEU B 112 -46.69 -4.08 -2.39
C LEU B 112 -45.33 -4.49 -1.83
N VAL B 113 -44.43 -4.79 -2.75
CA VAL B 113 -43.05 -5.12 -2.38
C VAL B 113 -42.28 -3.80 -2.31
N LEU B 114 -41.80 -3.46 -1.10
CA LEU B 114 -41.00 -2.28 -0.85
C LEU B 114 -39.57 -2.77 -0.55
N ALA B 115 -38.65 -2.51 -1.49
CA ALA B 115 -37.28 -2.95 -1.35
C ALA B 115 -36.35 -1.75 -1.37
N ILE B 116 -35.26 -1.85 -0.63
CA ILE B 116 -34.26 -0.79 -0.53
C ILE B 116 -32.95 -1.31 -1.09
N GLY B 117 -32.27 -0.47 -1.86
CA GLY B 117 -31.09 -0.89 -2.57
C GLY B 117 -29.83 -0.89 -1.73
N HIS B 118 -29.74 -1.81 -0.77
CA HIS B 118 -28.52 -1.97 0.05
C HIS B 118 -27.68 -3.06 -0.60
N ILE B 119 -26.89 -2.65 -1.58
CA ILE B 119 -26.31 -3.55 -2.57
C ILE B 119 -25.24 -4.49 -1.99
N LYS B 120 -24.57 -4.11 -0.90
CA LYS B 120 -23.60 -5.06 -0.34
C LYS B 120 -24.26 -6.32 0.18
N ARG B 121 -25.58 -6.30 0.36
CA ARG B 121 -26.29 -7.50 0.76
C ARG B 121 -26.19 -8.60 -0.29
N VAL B 122 -25.99 -8.25 -1.56
CA VAL B 122 -25.82 -9.29 -2.57
C VAL B 122 -24.35 -9.53 -2.88
N HIS B 123 -23.44 -8.93 -2.14
CA HIS B 123 -22.03 -9.21 -2.39
C HIS B 123 -21.77 -10.68 -2.17
N PRO B 124 -21.03 -11.34 -3.07
CA PRO B 124 -20.86 -12.79 -2.98
C PRO B 124 -20.28 -13.25 -1.66
N ALA B 125 -19.33 -12.49 -1.10
CA ALA B 125 -18.76 -12.84 0.19
C ALA B 125 -19.83 -12.87 1.27
N ILE B 126 -20.73 -11.90 1.26
CA ILE B 126 -21.76 -11.86 2.29
C ILE B 126 -22.78 -12.99 2.05
N GLN B 127 -23.04 -13.33 0.80
CA GLN B 127 -24.01 -14.40 0.53
C GLN B 127 -23.46 -15.74 0.97
N TYR B 128 -22.17 -15.98 0.71
CA TYR B 128 -21.52 -17.17 1.23
C TYR B 128 -21.58 -17.21 2.75
N LEU B 129 -21.23 -16.11 3.41
CA LEU B 129 -21.15 -16.14 4.87
C LEU B 129 -22.52 -16.39 5.49
N ARG B 130 -23.57 -15.83 4.89
CA ARG B 130 -24.89 -16.03 5.46
C ARG B 130 -25.35 -17.47 5.26
N GLN B 131 -25.05 -18.05 4.09
CA GLN B 131 -25.44 -19.42 3.86
C GLN B 131 -24.62 -20.40 4.69
N ALA B 132 -23.46 -19.98 5.22
CA ALA B 132 -22.70 -20.86 6.10
C ALA B 132 -23.35 -21.02 7.46
N GLY B 133 -24.34 -20.19 7.81
CA GLY B 133 -25.01 -20.31 9.09
C GLY B 133 -24.09 -20.29 10.31
N PHE B 134 -23.23 -19.27 10.40
CA PHE B 134 -22.33 -19.07 11.53
C PHE B 134 -23.02 -18.45 12.75
N GLY B 135 -24.23 -17.91 12.61
CA GLY B 135 -24.86 -17.18 13.71
C GLY B 135 -24.36 -15.74 13.83
N ALA B 136 -24.64 -15.14 14.99
CA ALA B 136 -24.30 -13.74 15.24
C ALA B 136 -22.82 -13.59 15.58
N PRO B 137 -22.06 -12.77 14.85
CA PRO B 137 -20.67 -12.53 15.23
C PRO B 137 -20.56 -11.88 16.60
N ARG B 138 -19.43 -12.15 17.25
CA ARG B 138 -19.07 -11.46 18.47
C ARG B 138 -18.64 -10.02 18.18
N TYR B 139 -17.76 -9.84 17.19
CA TYR B 139 -17.17 -8.53 16.93
C TYR B 139 -17.06 -8.32 15.43
N LEU B 140 -17.35 -7.09 14.98
CA LEU B 140 -17.19 -6.71 13.58
C LEU B 140 -16.42 -5.41 13.48
N GLU B 141 -15.54 -5.35 12.48
CA GLU B 141 -14.61 -4.25 12.30
C GLU B 141 -14.60 -3.91 10.82
N ALA B 142 -14.81 -2.66 10.47
CA ALA B 142 -14.92 -2.33 9.06
C ALA B 142 -14.24 -1.01 8.78
N GLU B 143 -13.68 -0.92 7.59
CA GLU B 143 -13.23 0.35 7.05
C GLU B 143 -13.74 0.47 5.62
N ARG B 144 -14.27 1.66 5.31
CA ARG B 144 -14.77 2.01 3.98
C ARG B 144 -14.20 3.40 3.70
N LEU B 145 -13.05 3.42 3.03
CA LEU B 145 -12.21 4.60 2.91
C LEU B 145 -12.01 4.90 1.44
N ALA B 146 -12.25 6.15 1.05
CA ALA B 146 -12.21 6.54 -0.34
C ALA B 146 -11.53 7.90 -0.49
N PRO B 147 -10.73 8.08 -1.53
CA PRO B 147 -10.21 9.41 -1.84
C PRO B 147 -11.33 10.33 -2.32
N PHE B 148 -11.12 11.63 -2.09
CA PHE B 148 -12.14 12.64 -2.37
C PHE B 148 -12.28 12.85 -3.87
N LYS B 149 -13.50 12.78 -4.38
CA LYS B 149 -13.81 13.06 -5.77
C LYS B 149 -14.77 14.24 -5.87
N PRO B 150 -14.81 14.93 -7.02
CA PRO B 150 -15.58 16.19 -7.09
C PRO B 150 -16.99 16.15 -6.51
N ARG B 151 -17.68 15.01 -6.59
CA ARG B 151 -19.06 14.87 -6.13
C ARG B 151 -19.21 14.99 -4.61
N SER B 152 -18.12 14.98 -3.86
CA SER B 152 -18.19 14.53 -2.46
C SER B 152 -18.70 15.60 -1.48
N LEU B 153 -19.83 16.26 -1.78
CA LEU B 153 -20.34 17.28 -0.88
C LEU B 153 -21.85 17.25 -0.66
N ASP B 154 -22.63 16.56 -1.48
CA ASP B 154 -24.06 16.38 -1.24
C ASP B 154 -24.33 15.31 -0.18
N ILE B 155 -23.31 14.51 0.15
CA ILE B 155 -23.49 13.21 0.77
C ILE B 155 -22.95 13.22 2.19
N ASP B 156 -23.65 12.53 3.07
CA ASP B 156 -23.24 12.31 4.45
C ASP B 156 -22.32 11.08 4.49
N VAL B 157 -21.08 11.25 5.00
CA VAL B 157 -20.13 10.13 5.03
C VAL B 157 -20.70 8.97 5.84
N ILE B 158 -21.55 9.26 6.82
CA ILE B 158 -22.34 8.23 7.48
C ILE B 158 -23.38 7.67 6.51
N MET B 159 -24.19 8.55 5.89
CA MET B 159 -25.34 8.10 5.11
C MET B 159 -24.97 7.50 3.77
N ASP B 160 -23.84 7.88 3.17
CA ASP B 160 -23.50 7.24 1.91
C ASP B 160 -22.44 6.16 2.03
N LEU B 161 -21.58 6.17 3.05
CA LEU B 161 -20.52 5.17 3.15
C LEU B 161 -20.71 4.22 4.32
N MET B 162 -20.78 4.74 5.54
CA MET B 162 -20.79 3.86 6.70
C MET B 162 -22.06 3.01 6.74
N ILE B 163 -23.15 3.52 6.16
CA ILE B 163 -24.44 2.84 6.19
C ILE B 163 -24.37 1.43 5.62
N HIS B 164 -23.48 1.18 4.66
CA HIS B 164 -23.34 -0.19 4.13
C HIS B 164 -22.93 -1.16 5.23
N ASP B 165 -21.98 -0.72 6.05
CA ASP B 165 -21.42 -1.57 7.13
C ASP B 165 -22.37 -1.60 8.32
N LEU B 166 -23.12 -0.52 8.53
CA LEU B 166 -24.15 -0.52 9.58
C LEU B 166 -25.20 -1.56 9.18
N ASP B 167 -25.59 -1.59 7.91
CA ASP B 167 -26.59 -2.58 7.46
C ASP B 167 -26.02 -4.00 7.60
N LEU B 168 -24.80 -4.27 7.14
CA LEU B 168 -24.27 -5.62 7.26
C LEU B 168 -24.22 -6.04 8.73
N THR B 169 -23.86 -5.12 9.63
CA THR B 169 -23.88 -5.39 11.06
C THR B 169 -25.26 -5.83 11.51
N LEU B 170 -26.28 -5.02 11.20
CA LEU B 170 -27.64 -5.36 11.62
C LEU B 170 -28.08 -6.68 11.01
N LEU B 171 -27.62 -6.97 9.80
CA LEU B 171 -28.05 -8.17 9.09
C LEU B 171 -27.43 -9.42 9.71
N LEU B 172 -26.12 -9.42 9.91
CA LEU B 172 -25.45 -10.60 10.42
C LEU B 172 -25.79 -10.86 11.88
N THR B 173 -26.02 -9.80 12.66
CA THR B 173 -26.32 -10.00 14.08
C THR B 173 -27.79 -10.32 14.32
N GLY B 174 -28.68 -9.71 13.55
CA GLY B 174 -30.09 -9.75 13.89
C GLY B 174 -30.41 -9.07 15.21
N ALA B 175 -29.61 -8.10 15.61
CA ALA B 175 -29.76 -7.47 16.90
C ALA B 175 -30.04 -5.99 16.75
N GLU B 176 -30.41 -5.37 17.85
CA GLU B 176 -30.73 -3.96 17.97
C GLU B 176 -29.57 -3.20 18.62
N PRO B 177 -29.28 -2.00 18.15
CA PRO B 177 -28.27 -1.19 18.83
C PRO B 177 -28.77 -0.76 20.20
N VAL B 178 -27.86 -0.79 21.17
CA VAL B 178 -28.12 -0.25 22.49
C VAL B 178 -27.16 0.87 22.85
N ASP B 179 -26.03 0.98 22.17
CA ASP B 179 -25.11 2.07 22.49
C ASP B 179 -24.41 2.45 21.20
N VAL B 180 -24.32 3.75 20.92
CA VAL B 180 -23.51 4.27 19.84
C VAL B 180 -22.63 5.39 20.36
N ARG B 181 -21.32 5.22 20.21
CA ARG B 181 -20.34 6.27 20.42
C ARG B 181 -19.63 6.46 19.09
N ALA B 182 -19.04 7.64 18.91
CA ALA B 182 -18.58 7.98 17.56
C ALA B 182 -17.71 9.22 17.60
N VAL B 183 -16.73 9.26 16.71
CA VAL B 183 -15.92 10.43 16.45
C VAL B 183 -16.13 10.78 15.00
N GLY B 184 -15.97 12.06 14.69
CA GLY B 184 -16.26 12.54 13.36
C GLY B 184 -15.63 13.88 13.14
N VAL B 185 -15.10 14.05 11.93
CA VAL B 185 -14.39 15.24 11.50
C VAL B 185 -14.95 15.70 10.18
N ALA B 186 -15.29 16.98 10.11
CA ALA B 186 -15.44 17.65 8.83
C ALA B 186 -14.10 18.33 8.54
N ALA B 187 -13.42 17.86 7.49
CA ALA B 187 -12.15 18.44 7.08
C ALA B 187 -12.33 19.59 6.11
N VAL B 188 -13.19 19.40 5.12
CA VAL B 188 -13.40 20.38 4.06
C VAL B 188 -14.38 21.47 4.49
N THR B 189 -15.42 21.07 5.22
CA THR B 189 -16.60 21.89 5.53
C THR B 189 -16.85 21.68 7.01
N ASP B 190 -18.07 21.95 7.49
CA ASP B 190 -18.50 21.37 8.76
C ASP B 190 -19.55 20.26 8.55
N LYS B 191 -19.44 19.56 7.42
CA LYS B 191 -20.15 18.30 7.15
C LYS B 191 -19.16 17.15 7.24
N ALA B 192 -19.42 16.18 8.12
CA ALA B 192 -18.43 15.16 8.48
C ALA B 192 -17.87 14.45 7.25
N ASP B 193 -16.54 14.51 7.10
CA ASP B 193 -15.83 13.86 6.00
C ASP B 193 -15.18 12.56 6.43
N MET B 194 -15.14 12.30 7.72
CA MET B 194 -14.60 11.02 8.23
C MET B 194 -15.25 10.77 9.59
N ALA B 195 -15.40 9.51 9.93
CA ALA B 195 -16.05 9.14 11.17
C ALA B 195 -15.67 7.72 11.55
N THR B 196 -15.79 7.43 12.83
CA THR B 196 -15.65 6.07 13.34
C THR B 196 -16.70 5.89 14.43
N ALA B 197 -17.48 4.82 14.29
CA ALA B 197 -18.53 4.45 15.23
C ALA B 197 -18.14 3.19 15.98
N TRP B 198 -18.47 3.19 17.27
CA TRP B 198 -18.35 2.05 18.18
C TRP B 198 -19.77 1.76 18.66
N MET B 199 -20.33 0.66 18.18
CA MET B 199 -21.74 0.33 18.34
C MET B 199 -21.86 -0.94 19.14
N THR B 200 -22.58 -0.88 20.25
CA THR B 200 -22.86 -2.05 21.07
C THR B 200 -24.32 -2.43 20.85
N LEU B 201 -24.54 -3.68 20.48
CA LEU B 201 -25.87 -4.19 20.20
C LEU B 201 -26.33 -5.02 21.40
N ASN B 202 -27.64 -5.33 21.44
CA ASN B 202 -28.23 -5.90 22.64
C ASN B 202 -27.96 -7.39 22.83
N ASN B 203 -27.35 -8.06 21.86
CA ASN B 203 -26.82 -9.39 22.10
C ASN B 203 -25.39 -9.33 22.60
N GLY B 204 -24.82 -8.14 22.73
CA GLY B 204 -23.45 -7.97 23.16
C GLY B 204 -22.44 -7.90 22.04
N THR B 205 -22.86 -8.00 20.78
CA THR B 205 -21.93 -7.74 19.69
C THR B 205 -21.41 -6.30 19.77
N VAL B 206 -20.20 -6.09 19.28
CA VAL B 206 -19.64 -4.75 19.10
C VAL B 206 -19.26 -4.58 17.63
N ALA B 207 -19.60 -3.42 17.06
CA ALA B 207 -19.26 -3.07 15.69
C ALA B 207 -18.38 -1.82 15.71
N ASN B 208 -17.21 -1.92 15.09
CA ASN B 208 -16.21 -0.86 15.03
C ASN B 208 -16.03 -0.48 13.57
N LEU B 209 -16.62 0.64 13.17
CA LEU B 209 -16.82 0.95 11.77
C LEU B 209 -16.21 2.31 11.45
N ALA B 210 -15.31 2.33 10.48
CA ALA B 210 -14.65 3.56 10.06
C ALA B 210 -15.03 3.87 8.63
N ALA B 211 -15.24 5.16 8.34
CA ALA B 211 -15.57 5.58 6.99
C ALA B 211 -14.95 6.95 6.74
N SER B 212 -14.34 7.11 5.58
CA SER B 212 -13.73 8.39 5.28
C SER B 212 -13.77 8.59 3.78
N ARG B 213 -14.09 9.81 3.40
CA ARG B 213 -14.11 10.28 2.00
C ARG B 213 -12.86 11.13 1.72
N VAL B 214 -11.92 11.23 2.65
CA VAL B 214 -10.64 11.89 2.41
C VAL B 214 -9.54 10.97 2.90
N VAL B 215 -9.08 10.06 2.05
CA VAL B 215 -7.89 9.28 2.29
C VAL B 215 -7.13 9.26 0.98
N ARG B 216 -5.85 8.95 1.06
CA ARG B 216 -5.06 8.94 -0.18
C ARG B 216 -5.47 7.76 -1.05
N GLU B 217 -5.79 6.61 -0.46
CA GLU B 217 -6.00 5.39 -1.21
C GLU B 217 -7.22 4.59 -0.71
N PRO B 218 -7.98 3.99 -1.63
CA PRO B 218 -9.23 3.32 -1.24
C PRO B 218 -8.97 2.02 -0.48
N ALA B 219 -9.81 1.76 0.52
CA ALA B 219 -9.81 0.49 1.25
C ALA B 219 -11.22 0.18 1.72
N ARG B 220 -11.73 -1.01 1.37
CA ARG B 220 -13.09 -1.41 1.73
C ARG B 220 -13.04 -2.83 2.26
N ARG B 221 -12.92 -2.96 3.58
CA ARG B 221 -12.65 -4.24 4.21
C ARG B 221 -13.53 -4.39 5.44
N MET B 222 -13.83 -5.65 5.77
CA MET B 222 -14.57 -5.99 6.98
C MET B 222 -13.98 -7.28 7.55
N ARG B 223 -13.63 -7.25 8.82
CA ARG B 223 -13.25 -8.44 9.57
C ARG B 223 -14.35 -8.77 10.56
N ILE B 224 -14.78 -10.03 10.56
CA ILE B 224 -15.90 -10.51 11.37
C ILE B 224 -15.41 -11.67 12.23
N PHE B 225 -15.57 -11.55 13.54
CA PHE B 225 -15.10 -12.54 14.50
C PHE B 225 -16.30 -13.16 15.21
N TRP B 226 -16.62 -14.40 14.82
CA TRP B 226 -17.44 -15.30 15.60
C TRP B 226 -16.58 -16.01 16.63
N GLN B 227 -17.21 -16.89 17.42
CA GLN B 227 -16.51 -17.53 18.53
C GLN B 227 -15.33 -18.35 18.04
N ASP B 228 -15.54 -19.16 16.99
CA ASP B 228 -14.53 -20.11 16.53
C ASP B 228 -14.15 -19.93 15.06
N ARG B 229 -14.60 -18.85 14.41
CA ARG B 229 -14.30 -18.60 13.02
C ARG B 229 -14.19 -17.10 12.81
N TYR B 230 -13.20 -16.67 12.03
CA TYR B 230 -13.00 -15.24 11.76
C TYR B 230 -12.84 -15.06 10.26
N ALA B 231 -13.59 -14.12 9.69
CA ALA B 231 -13.61 -13.89 8.27
C ALA B 231 -13.02 -12.52 7.94
N SER B 232 -12.21 -12.49 6.89
CA SER B 232 -11.68 -11.26 6.31
CA SER B 232 -11.69 -11.26 6.32
C SER B 232 -12.31 -11.11 4.93
N VAL B 233 -13.18 -10.12 4.80
CA VAL B 233 -13.82 -9.77 3.54
C VAL B 233 -13.11 -8.54 3.00
N ASP B 234 -12.59 -8.64 1.79
CA ASP B 234 -12.00 -7.49 1.11
C ASP B 234 -12.92 -7.14 -0.06
N PHE B 235 -13.84 -6.21 0.18
CA PHE B 235 -14.80 -5.82 -0.85
C PHE B 235 -14.09 -5.31 -2.11
N LEU B 236 -12.99 -4.58 -1.95
CA LEU B 236 -12.38 -3.98 -3.14
C LEU B 236 -11.76 -5.05 -4.02
N ASN B 237 -11.01 -5.98 -3.44
CA ASN B 237 -10.40 -7.08 -4.17
C ASN B 237 -11.36 -8.22 -4.48
N ASN B 238 -12.58 -8.19 -3.94
CA ASN B 238 -13.53 -9.30 -4.01
C ASN B 238 -12.90 -10.58 -3.46
N THR B 239 -12.56 -10.53 -2.17
CA THR B 239 -11.81 -11.60 -1.51
C THR B 239 -12.51 -12.00 -0.22
N LEU B 240 -12.51 -13.30 0.08
CA LEU B 240 -13.03 -13.81 1.35
C LEU B 240 -12.10 -14.90 1.87
N HIS B 241 -11.58 -14.69 3.06
CA HIS B 241 -10.79 -15.71 3.74
C HIS B 241 -11.44 -16.00 5.08
N ILE B 242 -11.52 -17.28 5.42
CA ILE B 242 -12.09 -17.74 6.68
C ILE B 242 -11.03 -18.52 7.44
N TYR B 243 -10.78 -18.12 8.68
CA TYR B 243 -9.79 -18.73 9.55
C TYR B 243 -10.54 -19.45 10.66
N HIS B 244 -10.31 -20.75 10.77
CA HIS B 244 -10.99 -21.58 11.76
C HIS B 244 -10.07 -21.73 12.96
N ARG B 245 -10.63 -21.54 14.16
CA ARG B 245 -9.85 -21.56 15.39
C ARG B 245 -9.24 -22.94 15.63
N ARG B 257 -5.84 -22.56 10.28
CA ARG B 257 -6.38 -22.95 8.98
C ARG B 257 -6.99 -21.77 8.23
N ASP B 258 -6.26 -21.23 7.25
CA ASP B 258 -6.81 -20.20 6.37
C ASP B 258 -7.38 -20.88 5.13
N GLU B 259 -8.68 -20.75 4.94
CA GLU B 259 -9.37 -21.27 3.77
C GLU B 259 -9.75 -20.07 2.90
N ALA B 260 -9.29 -20.10 1.66
CA ALA B 260 -9.62 -19.09 0.65
C ALA B 260 -10.96 -19.51 0.00
N VAL B 261 -11.90 -18.58 -0.10
CA VAL B 261 -13.21 -18.91 -0.68
C VAL B 261 -13.29 -18.36 -2.08
N ASP B 262 -13.54 -19.20 -3.06
CA ASP B 262 -13.66 -18.70 -4.45
C ASP B 262 -14.99 -17.96 -4.62
N LEU B 263 -14.93 -16.64 -4.76
CA LEU B 263 -16.14 -15.81 -4.94
C LEU B 263 -16.38 -15.60 -6.43
N ALA B 264 -17.52 -16.00 -6.95
CA ALA B 264 -17.85 -15.80 -8.38
C ALA B 264 -18.21 -14.34 -8.61
N LYS B 265 -17.76 -13.76 -9.71
CA LYS B 265 -17.97 -12.35 -10.07
C LYS B 265 -19.32 -12.16 -10.75
N ARG B 266 -20.15 -11.27 -10.21
CA ARG B 266 -21.44 -11.01 -10.81
C ARG B 266 -21.78 -9.53 -10.68
N ASP B 267 -22.64 -9.06 -11.58
CA ASP B 267 -23.12 -7.68 -11.51
C ASP B 267 -24.11 -7.55 -10.35
N ALA B 268 -23.76 -6.73 -9.35
CA ALA B 268 -24.53 -6.66 -8.11
C ALA B 268 -25.86 -5.94 -8.30
N LEU B 269 -25.86 -4.85 -9.08
CA LEU B 269 -27.12 -4.17 -9.36
C LEU B 269 -28.09 -5.09 -10.10
N ALA B 270 -27.60 -5.81 -11.13
CA ALA B 270 -28.46 -6.78 -11.81
C ALA B 270 -29.07 -7.76 -10.82
N ALA B 271 -28.25 -8.30 -9.92
CA ALA B 271 -28.75 -9.27 -8.95
C ALA B 271 -29.83 -8.66 -8.06
N GLU B 272 -29.61 -7.40 -7.65
CA GLU B 272 -30.62 -6.68 -6.87
C GLU B 272 -31.93 -6.55 -7.62
N ILE B 273 -31.87 -6.08 -8.87
CA ILE B 273 -33.08 -5.89 -9.67
C ILE B 273 -33.82 -7.22 -9.83
N GLU B 274 -33.08 -8.25 -10.23
CA GLU B 274 -33.66 -9.58 -10.40
C GLU B 274 -34.31 -10.07 -9.10
N ASP B 275 -33.66 -9.83 -7.96
CA ASP B 275 -34.27 -10.24 -6.68
C ASP B 275 -35.55 -9.48 -6.41
N PHE B 276 -35.56 -8.17 -6.67
CA PHE B 276 -36.74 -7.35 -6.48
C PHE B 276 -37.92 -7.88 -7.30
N LEU B 277 -37.67 -8.19 -8.58
CA LEU B 277 -38.73 -8.62 -9.48
C LEU B 277 -39.18 -10.05 -9.15
N ASN B 278 -38.24 -10.94 -8.79
CA ASN B 278 -38.63 -12.27 -8.36
C ASN B 278 -39.49 -12.21 -7.11
N ALA B 279 -39.12 -11.37 -6.15
CA ALA B 279 -39.92 -11.26 -4.94
C ALA B 279 -41.34 -10.83 -5.26
N ILE B 280 -41.51 -9.88 -6.19
CA ILE B 280 -42.85 -9.48 -6.59
C ILE B 280 -43.62 -10.67 -7.18
N ALA B 281 -43.04 -11.27 -8.23
CA ALA B 281 -43.77 -12.24 -9.02
C ALA B 281 -44.01 -13.55 -8.27
N ALA B 282 -43.17 -13.88 -7.28
CA ALA B 282 -43.23 -15.16 -6.59
C ALA B 282 -43.63 -15.04 -5.13
N HIS B 283 -44.03 -13.85 -4.68
CA HIS B 283 -44.52 -13.61 -3.31
C HIS B 283 -43.56 -14.18 -2.24
N ARG B 284 -42.30 -13.80 -2.32
CA ARG B 284 -41.23 -14.27 -1.44
C ARG B 284 -40.41 -13.10 -0.95
N PRO B 285 -39.59 -13.29 0.10
CA PRO B 285 -38.95 -12.13 0.75
C PRO B 285 -37.86 -11.52 -0.12
N VAL B 286 -37.80 -10.21 -0.11
CA VAL B 286 -36.86 -9.48 -0.93
C VAL B 286 -35.56 -9.29 -0.15
N PHE B 287 -34.45 -9.11 -0.89
CA PHE B 287 -33.11 -9.10 -0.29
C PHE B 287 -32.98 -8.06 0.82
N CYS B 288 -33.74 -6.98 0.75
CA CYS B 288 -33.76 -5.94 1.79
C CYS B 288 -35.07 -5.18 1.66
N ASP B 289 -35.97 -5.34 2.62
CA ASP B 289 -37.27 -4.70 2.55
C ASP B 289 -37.26 -3.37 3.31
N GLY B 290 -38.43 -2.72 3.36
CA GLY B 290 -38.53 -1.41 4.00
C GLY B 290 -38.13 -1.43 5.46
N VAL B 291 -38.63 -2.42 6.21
CA VAL B 291 -38.30 -2.55 7.63
C VAL B 291 -36.80 -2.53 7.84
N ALA B 292 -36.07 -3.26 7.00
CA ALA B 292 -34.61 -3.33 7.15
C ALA B 292 -33.95 -1.98 6.85
N GLY B 293 -34.40 -1.30 5.78
CA GLY B 293 -33.85 0.01 5.45
C GLY B 293 -34.09 1.01 6.56
N ARG B 294 -35.26 0.96 7.18
CA ARG B 294 -35.52 1.84 8.30
C ARG B 294 -34.64 1.52 9.50
N ARG B 295 -34.39 0.23 9.77
CA ARG B 295 -33.51 -0.11 10.88
C ARG B 295 -32.11 0.48 10.68
N VAL B 296 -31.56 0.32 9.48
CA VAL B 296 -30.20 0.83 9.28
C VAL B 296 -30.20 2.36 9.23
N LEU B 297 -31.27 2.97 8.74
CA LEU B 297 -31.39 4.42 8.79
C LEU B 297 -31.39 4.92 10.23
N ALA B 298 -32.19 4.27 11.09
CA ALA B 298 -32.22 4.64 12.50
C ALA B 298 -30.82 4.56 13.11
N ALA B 299 -30.06 3.51 12.78
CA ALA B 299 -28.69 3.38 13.27
C ALA B 299 -27.78 4.50 12.76
N ALA B 300 -27.80 4.74 11.45
CA ALA B 300 -26.92 5.75 10.88
C ALA B 300 -27.21 7.13 11.47
N LEU B 301 -28.49 7.40 11.73
CA LEU B 301 -28.85 8.65 12.42
C LEU B 301 -28.30 8.67 13.84
N GLN B 302 -28.32 7.52 14.53
CA GLN B 302 -27.69 7.43 15.84
C GLN B 302 -26.21 7.81 15.77
N VAL B 303 -25.52 7.32 14.73
CA VAL B 303 -24.09 7.61 14.58
C VAL B 303 -23.88 9.09 14.32
N ARG B 304 -24.74 9.69 13.51
CA ARG B 304 -24.64 11.13 13.25
C ARG B 304 -24.86 11.94 14.52
N VAL B 305 -25.90 11.60 15.29
CA VAL B 305 -26.11 12.23 16.57
C VAL B 305 -24.87 12.08 17.45
N ALA B 306 -24.29 10.88 17.48
CA ALA B 306 -23.14 10.65 18.35
C ALA B 306 -21.95 11.48 17.91
N VAL B 307 -21.77 11.65 16.59
CA VAL B 307 -20.67 12.46 16.08
C VAL B 307 -20.84 13.90 16.53
N GLU B 308 -22.06 14.42 16.43
CA GLU B 308 -22.28 15.80 16.87
C GLU B 308 -22.04 15.94 18.37
N ALA B 309 -22.51 14.97 19.17
CA ALA B 309 -22.33 15.05 20.62
C ALA B 309 -20.85 14.92 21.01
N PHE B 310 -20.06 14.13 20.28
CA PHE B 310 -18.62 14.09 20.51
C PHE B 310 -18.01 15.45 20.25
N LEU B 311 -18.34 16.05 19.11
CA LEU B 311 -17.79 17.36 18.78
C LEU B 311 -18.12 18.39 19.86
N GLN B 312 -19.38 18.43 20.31
CA GLN B 312 -19.75 19.40 21.34
C GLN B 312 -19.25 19.06 22.73
N ARG B 313 -18.78 17.82 22.97
CA ARG B 313 -18.23 17.44 24.27
C ARG B 313 -16.77 17.86 24.44
N LEU B 314 -16.12 18.34 23.38
CA LEU B 314 -14.71 18.75 23.42
C LEU B 314 -14.46 19.97 24.33
N MET C 1 49.79 9.18 0.68
CA MET C 1 50.08 8.25 1.76
C MET C 1 49.72 8.87 3.11
N ILE C 2 48.97 8.14 3.93
CA ILE C 2 48.51 8.61 5.23
C ILE C 2 49.29 7.87 6.33
N HIS C 3 49.61 8.58 7.41
CA HIS C 3 50.37 7.99 8.53
C HIS C 3 49.38 7.39 9.52
N MET C 4 48.91 6.20 9.19
CA MET C 4 48.05 5.47 10.09
C MET C 4 48.38 3.98 10.04
N ARG C 5 48.20 3.32 11.19
CA ARG C 5 48.32 1.87 11.28
C ARG C 5 46.99 1.23 10.88
N THR C 6 47.03 0.44 9.81
CA THR C 6 45.80 -0.12 9.24
C THR C 6 45.83 -1.65 9.29
N GLY C 7 44.63 -2.24 9.27
CA GLY C 7 44.48 -3.68 9.20
C GLY C 7 43.19 -4.11 8.51
N VAL C 8 43.15 -5.40 8.16
CA VAL C 8 41.98 -5.99 7.53
C VAL C 8 41.61 -7.25 8.29
N ILE C 9 40.33 -7.38 8.64
CA ILE C 9 39.82 -8.57 9.32
C ILE C 9 38.90 -9.26 8.32
N GLY C 10 39.32 -10.44 7.87
CA GLY C 10 38.62 -11.15 6.83
C GLY C 10 39.27 -10.83 5.51
N VAL C 11 40.09 -11.75 5.00
CA VAL C 11 40.86 -11.51 3.79
C VAL C 11 40.57 -12.57 2.73
N GLY C 12 39.28 -12.90 2.58
CA GLY C 12 38.85 -13.73 1.47
C GLY C 12 38.91 -12.95 0.16
N HIS C 13 37.95 -13.18 -0.74
CA HIS C 13 38.07 -12.63 -2.09
C HIS C 13 38.17 -11.10 -2.07
N LEU C 14 37.26 -10.42 -1.38
CA LEU C 14 37.28 -8.96 -1.41
C LEU C 14 38.17 -8.34 -0.33
N GLY C 15 38.26 -8.99 0.84
CA GLY C 15 39.16 -8.51 1.88
C GLY C 15 40.61 -8.43 1.43
N ARG C 16 41.02 -9.34 0.54
CA ARG C 16 42.39 -9.27 0.05
C ARG C 16 42.61 -7.98 -0.71
N PHE C 17 41.65 -7.58 -1.55
CA PHE C 17 41.77 -6.34 -2.30
C PHE C 17 41.81 -5.13 -1.38
N HIS C 18 40.99 -5.15 -0.32
CA HIS C 18 41.10 -4.11 0.72
C HIS C 18 42.54 -3.99 1.20
N ALA C 19 43.14 -5.14 1.55
CA ALA C 19 44.49 -5.14 2.09
C ALA C 19 45.51 -4.63 1.08
N GLN C 20 45.28 -4.94 -0.21
CA GLN C 20 46.19 -4.42 -1.25
C GLN C 20 46.17 -2.89 -1.29
N LYS C 21 44.96 -2.31 -1.32
CA LYS C 21 44.85 -0.86 -1.29
C LYS C 21 45.52 -0.28 -0.03
N TYR C 22 45.23 -0.87 1.13
CA TYR C 22 45.81 -0.38 2.38
C TYR C 22 47.33 -0.41 2.32
N ALA C 23 47.90 -1.47 1.73
CA ALA C 23 49.34 -1.56 1.59
C ALA C 23 49.89 -0.42 0.76
N ALA C 24 49.17 -0.03 -0.29
CA ALA C 24 49.68 1.04 -1.15
C ALA C 24 49.55 2.42 -0.53
N ILE C 25 48.59 2.64 0.38
CA ILE C 25 48.28 4.00 0.83
C ILE C 25 48.59 4.26 2.29
N SER C 26 48.92 3.26 3.09
CA SER C 26 49.07 3.46 4.53
C SER C 26 50.13 2.50 5.06
N GLN C 27 50.19 2.35 6.38
CA GLN C 27 51.15 1.45 7.02
C GLN C 27 50.40 0.19 7.44
N LEU C 28 50.25 -0.74 6.50
CA LEU C 28 49.48 -1.96 6.75
C LEU C 28 50.25 -2.85 7.72
N ALA C 29 49.79 -2.90 8.97
CA ALA C 29 50.35 -3.83 9.94
C ALA C 29 50.13 -5.29 9.52
N GLY C 30 48.94 -5.63 9.05
CA GLY C 30 48.70 -7.01 8.62
C GLY C 30 47.22 -7.33 8.57
N VAL C 31 46.93 -8.62 8.66
CA VAL C 31 45.58 -9.12 8.41
C VAL C 31 45.24 -10.21 9.43
N PHE C 32 43.94 -10.38 9.67
CA PHE C 32 43.47 -11.53 10.42
C PHE C 32 42.31 -12.19 9.68
N ASP C 33 42.33 -13.51 9.64
CA ASP C 33 41.25 -14.29 9.07
C ASP C 33 41.05 -15.52 9.95
N GLU C 34 39.82 -16.01 10.00
CA GLU C 34 39.57 -17.22 10.77
C GLU C 34 40.26 -18.43 10.16
N ASN C 35 40.55 -18.39 8.86
CA ASN C 35 41.29 -19.44 8.14
C ASN C 35 42.77 -19.07 8.17
N ALA C 36 43.56 -19.76 9.01
CA ALA C 36 44.94 -19.34 9.29
C ALA C 36 45.80 -19.37 8.04
N GLU C 37 45.69 -20.45 7.25
CA GLU C 37 46.47 -20.59 6.02
C GLU C 37 46.17 -19.48 5.01
N ARG C 38 44.88 -19.09 4.88
CA ARG C 38 44.53 -18.02 3.94
C ARG C 38 45.12 -16.67 4.37
N ALA C 39 45.05 -16.35 5.66
CA ALA C 39 45.69 -15.14 6.17
C ALA C 39 47.19 -15.17 5.93
N ALA C 40 47.83 -16.33 6.12
CA ALA C 40 49.27 -16.40 5.90
C ALA C 40 49.62 -16.20 4.42
N GLU C 41 48.78 -16.70 3.51
CA GLU C 41 49.09 -16.48 2.10
C GLU C 41 48.87 -15.01 1.71
N VAL C 42 47.84 -14.36 2.26
CA VAL C 42 47.64 -12.93 2.00
C VAL C 42 48.80 -12.11 2.58
N ALA C 43 49.28 -12.51 3.75
CA ALA C 43 50.40 -11.82 4.38
C ALA C 43 51.71 -12.02 3.62
N ALA C 44 51.92 -13.20 3.04
CA ALA C 44 53.12 -13.42 2.24
C ALA C 44 53.03 -12.67 0.91
N GLU C 45 51.83 -12.61 0.31
CA GLU C 45 51.65 -11.82 -0.89
C GLU C 45 51.95 -10.34 -0.63
N LEU C 46 51.49 -9.81 0.50
CA LEU C 46 51.60 -8.38 0.78
C LEU C 46 52.79 -8.03 1.65
N ARG C 47 53.61 -9.02 2.02
CA ARG C 47 54.78 -8.82 2.88
C ARG C 47 54.41 -8.11 4.19
N CYS C 48 53.28 -8.51 4.77
CA CYS C 48 52.84 -8.00 6.07
C CYS C 48 52.68 -9.19 7.02
N ARG C 49 52.14 -8.91 8.18
CA ARG C 49 51.99 -9.99 9.17
C ARG C 49 50.61 -10.63 9.11
N ALA C 50 50.56 -11.93 9.29
CA ALA C 50 49.33 -12.66 9.58
C ALA C 50 49.27 -12.84 11.09
N PHE C 51 48.31 -12.21 11.71
CA PHE C 51 48.21 -12.21 13.15
C PHE C 51 47.56 -13.48 13.67
N PRO C 52 47.88 -13.88 14.91
CA PRO C 52 47.31 -15.11 15.45
C PRO C 52 45.92 -14.94 16.02
N SER C 53 45.50 -13.73 16.37
CA SER C 53 44.15 -13.48 16.84
C SER C 53 43.67 -12.13 16.31
N VAL C 54 42.35 -11.90 16.43
CA VAL C 54 41.83 -10.60 16.01
C VAL C 54 42.27 -9.52 16.98
N ASP C 55 42.49 -9.88 18.25
CA ASP C 55 42.91 -8.89 19.24
C ASP C 55 44.34 -8.42 19.01
N ALA C 56 45.20 -9.33 18.55
CA ALA C 56 46.61 -8.99 18.32
C ALA C 56 46.75 -8.10 17.11
N LEU C 57 45.93 -8.33 16.07
CA LEU C 57 45.76 -7.34 15.02
C LEU C 57 45.31 -6.00 15.58
N LEU C 58 44.20 -6.00 16.33
CA LEU C 58 43.62 -4.73 16.76
C LEU C 58 44.59 -3.92 17.61
N ALA C 59 45.49 -4.60 18.34
CA ALA C 59 46.45 -3.88 19.18
C ALA C 59 47.46 -3.10 18.36
N GLU C 60 47.75 -3.54 17.14
CA GLU C 60 48.74 -2.85 16.29
C GLU C 60 48.13 -1.93 15.22
N VAL C 61 46.83 -1.61 15.25
CA VAL C 61 46.26 -0.80 14.13
C VAL C 61 45.52 0.45 14.63
N ASP C 62 45.19 1.38 13.75
CA ASP C 62 44.35 2.54 14.14
C ASP C 62 42.98 2.33 13.48
N ALA C 63 42.98 1.79 12.29
CA ALA C 63 41.73 1.59 11.55
C ALA C 63 41.78 0.22 10.89
N VAL C 64 40.62 -0.38 10.68
CA VAL C 64 40.49 -1.66 10.01
C VAL C 64 39.35 -1.60 9.00
N SER C 65 39.51 -2.35 7.92
CA SER C 65 38.37 -2.84 7.14
C SER C 65 37.90 -4.16 7.71
N ILE C 66 36.58 -4.36 7.69
CA ILE C 66 35.92 -5.59 8.14
C ILE C 66 35.21 -6.16 6.93
N VAL C 67 35.73 -7.28 6.41
CA VAL C 67 35.25 -7.91 5.19
C VAL C 67 34.90 -9.36 5.47
N THR C 68 34.34 -9.63 6.63
CA THR C 68 33.86 -10.96 7.01
C THR C 68 32.39 -11.11 6.64
N PRO C 69 31.82 -12.32 6.76
CA PRO C 69 30.41 -12.49 6.33
C PRO C 69 29.48 -11.60 7.13
N THR C 70 28.38 -11.18 6.48
CA THR C 70 27.54 -10.12 7.01
C THR C 70 27.07 -10.43 8.44
N SER C 71 26.66 -11.69 8.68
CA SER C 71 26.19 -12.13 9.99
C SER C 71 27.24 -11.96 11.07
N THR C 72 28.51 -11.83 10.71
CA THR C 72 29.57 -11.64 11.68
C THR C 72 29.96 -10.18 11.87
N HIS C 73 29.40 -9.28 11.05
CA HIS C 73 29.79 -7.86 11.08
C HIS C 73 29.61 -7.28 12.48
N PHE C 74 28.48 -7.55 13.12
CA PHE C 74 28.20 -6.94 14.41
C PHE C 74 29.22 -7.38 15.47
N ALA C 75 29.46 -8.70 15.59
CA ALA C 75 30.37 -9.18 16.63
C ALA C 75 31.80 -8.69 16.39
N VAL C 76 32.27 -8.77 15.13
CA VAL C 76 33.63 -8.33 14.86
C VAL C 76 33.78 -6.83 15.11
N ALA C 77 32.81 -6.03 14.63
CA ALA C 77 32.93 -4.58 14.79
C ALA C 77 32.75 -4.16 16.24
N GLU C 78 31.96 -4.90 17.01
CA GLU C 78 31.90 -4.69 18.45
C GLU C 78 33.30 -4.84 19.05
N VAL C 79 34.00 -5.93 18.72
CA VAL C 79 35.32 -6.10 19.32
C VAL C 79 36.29 -5.03 18.80
N ALA C 80 36.16 -4.63 17.53
CA ALA C 80 37.11 -3.67 16.98
C ALA C 80 36.90 -2.29 17.58
N MET C 81 35.66 -1.90 17.84
CA MET C 81 35.39 -0.60 18.43
C MET C 81 35.62 -0.59 19.94
N GLN C 82 35.51 -1.74 20.60
CA GLN C 82 35.89 -1.81 22.01
C GLN C 82 37.39 -1.64 22.20
N ALA C 83 38.17 -1.83 21.13
CA ALA C 83 39.60 -1.57 21.15
C ALA C 83 39.96 -0.19 20.62
N GLY C 84 38.98 0.70 20.45
CA GLY C 84 39.28 2.06 20.02
C GLY C 84 39.75 2.17 18.58
N VAL C 85 39.42 1.19 17.75
CA VAL C 85 39.87 1.12 16.37
C VAL C 85 38.73 1.57 15.47
N HIS C 86 39.01 2.47 14.54
CA HIS C 86 38.01 2.88 13.56
C HIS C 86 37.72 1.73 12.58
N CYS C 87 36.50 1.72 12.05
CA CYS C 87 36.02 0.62 11.20
C CYS C 87 35.44 1.10 9.89
N LEU C 88 35.89 0.48 8.80
CA LEU C 88 35.17 0.49 7.53
C LEU C 88 34.57 -0.92 7.33
N ILE C 89 33.26 -1.02 7.39
CA ILE C 89 32.56 -2.29 7.29
C ILE C 89 32.06 -2.45 5.87
N GLU C 90 32.45 -3.54 5.21
CA GLU C 90 31.92 -3.83 3.88
C GLU C 90 30.39 -3.91 3.94
N LYS C 91 29.73 -3.61 2.81
CA LYS C 91 28.29 -3.70 2.76
C LYS C 91 27.84 -5.16 2.53
N PRO C 92 26.68 -5.55 3.06
CA PRO C 92 25.83 -4.67 3.88
C PRO C 92 26.29 -4.52 5.34
N PHE C 93 25.91 -3.38 5.93
CA PHE C 93 26.28 -3.01 7.29
C PHE C 93 26.11 -4.17 8.27
N THR C 94 24.87 -4.65 8.42
CA THR C 94 24.58 -5.72 9.37
C THR C 94 23.43 -6.55 8.83
N LEU C 95 22.97 -7.53 9.62
CA LEU C 95 21.82 -8.31 9.20
C LEU C 95 20.49 -7.65 9.57
N ASP C 96 20.48 -6.83 10.61
CA ASP C 96 19.25 -6.15 11.01
C ASP C 96 19.59 -4.79 11.62
N THR C 97 18.56 -3.97 11.82
CA THR C 97 18.77 -2.58 12.20
C THR C 97 19.10 -2.39 13.69
N GLU C 98 18.78 -3.37 14.54
CA GLU C 98 19.16 -3.27 15.95
C GLU C 98 20.67 -3.40 16.12
N GLU C 99 21.29 -4.32 15.37
CA GLU C 99 22.75 -4.38 15.32
C GLU C 99 23.32 -3.07 14.80
N ALA C 100 22.77 -2.54 13.70
CA ALA C 100 23.24 -1.28 13.15
C ALA C 100 23.15 -0.15 14.17
N ASP C 101 22.03 -0.10 14.90
CA ASP C 101 21.82 0.88 15.97
C ASP C 101 22.87 0.76 17.06
N ALA C 102 23.19 -0.47 17.46
CA ALA C 102 24.16 -0.69 18.53
C ALA C 102 25.55 -0.25 18.10
N LEU C 103 25.94 -0.59 16.86
CA LEU C 103 27.26 -0.19 16.39
C LEU C 103 27.36 1.33 16.25
N ILE C 104 26.29 1.99 15.76
CA ILE C 104 26.29 3.45 15.70
C ILE C 104 26.45 4.04 17.08
N GLY C 105 25.71 3.50 18.07
CA GLY C 105 25.87 3.97 19.45
C GLY C 105 27.29 3.80 19.97
N MET C 106 27.87 2.60 19.80
CA MET C 106 29.26 2.38 20.20
C MET C 106 30.19 3.39 19.56
N ALA C 107 29.98 3.66 18.27
CA ALA C 107 30.88 4.54 17.53
C ALA C 107 30.77 5.96 18.04
N GLN C 108 29.56 6.42 18.32
CA GLN C 108 29.45 7.76 18.88
C GLN C 108 30.05 7.82 20.30
N GLU C 109 29.75 6.81 21.13
CA GLU C 109 30.37 6.73 22.45
C GLU C 109 31.88 6.90 22.37
N ARG C 110 32.53 6.20 21.43
CA ARG C 110 33.98 6.15 21.42
C ARG C 110 34.63 7.11 20.44
N HIS C 111 33.86 7.98 19.79
CA HIS C 111 34.38 9.01 18.89
C HIS C 111 35.22 8.40 17.76
N LEU C 112 34.74 7.27 17.24
CA LEU C 112 35.35 6.59 16.12
C LEU C 112 34.61 6.89 14.81
N VAL C 113 35.34 6.85 13.71
CA VAL C 113 34.71 6.86 12.39
C VAL C 113 34.16 5.47 12.08
N LEU C 114 32.84 5.39 11.87
CA LEU C 114 32.18 4.18 11.34
C LEU C 114 31.83 4.43 9.88
N ALA C 115 32.48 3.71 8.98
CA ALA C 115 32.24 3.80 7.55
C ALA C 115 31.68 2.47 7.03
N ILE C 116 30.72 2.57 6.13
CA ILE C 116 30.15 1.40 5.49
C ILE C 116 30.56 1.45 4.03
N GLY C 117 31.03 0.31 3.52
CA GLY C 117 31.58 0.22 2.19
C GLY C 117 30.54 0.16 1.09
N HIS C 118 29.88 1.29 0.81
CA HIS C 118 28.90 1.36 -0.27
C HIS C 118 29.64 1.97 -1.47
N ILE C 119 30.31 1.08 -2.22
CA ILE C 119 31.33 1.50 -3.17
C ILE C 119 30.77 2.36 -4.30
N LYS C 120 29.50 2.17 -4.68
CA LYS C 120 28.88 2.87 -5.84
C LYS C 120 28.85 4.38 -5.63
N ARG C 121 28.78 4.83 -4.38
CA ARG C 121 28.89 6.25 -4.08
C ARG C 121 30.12 6.88 -4.69
N VAL C 122 31.16 6.09 -4.95
CA VAL C 122 32.45 6.58 -5.42
C VAL C 122 32.62 6.43 -6.93
N HIS C 123 31.64 5.84 -7.59
CA HIS C 123 31.71 5.68 -9.04
C HIS C 123 31.83 7.03 -9.72
N PRO C 124 32.67 7.15 -10.75
CA PRO C 124 32.90 8.46 -11.38
C PRO C 124 31.64 9.19 -11.82
N ALA C 125 30.63 8.44 -12.30
CA ALA C 125 29.42 9.10 -12.79
C ALA C 125 28.64 9.70 -11.64
N ILE C 126 28.55 9.00 -10.51
CA ILE C 126 27.80 9.53 -9.38
C ILE C 126 28.50 10.76 -8.81
N GLN C 127 29.84 10.75 -8.77
CA GLN C 127 30.57 11.90 -8.31
C GLN C 127 30.33 13.09 -9.23
N TYR C 128 30.40 12.86 -10.54
CA TYR C 128 30.09 13.93 -11.48
C TYR C 128 28.71 14.50 -11.23
N LEU C 129 27.69 13.64 -11.14
CA LEU C 129 26.31 14.12 -11.05
C LEU C 129 26.07 14.87 -9.74
N ARG C 130 26.66 14.37 -8.65
CA ARG C 130 26.53 15.04 -7.37
C ARG C 130 27.19 16.41 -7.38
N GLN C 131 28.38 16.54 -8.00
CA GLN C 131 29.00 17.86 -8.12
C GLN C 131 28.21 18.77 -9.04
N ALA C 132 27.43 18.21 -9.97
CA ALA C 132 26.63 19.04 -10.85
C ALA C 132 25.45 19.70 -10.13
N GLY C 133 25.13 19.28 -8.91
CA GLY C 133 24.12 19.97 -8.12
C GLY C 133 22.77 20.13 -8.80
N PHE C 134 22.26 19.04 -9.38
CA PHE C 134 20.94 19.01 -10.00
C PHE C 134 19.80 18.89 -9.00
N GLY C 135 20.08 18.71 -7.73
CA GLY C 135 18.99 18.49 -6.78
C GLY C 135 18.44 17.08 -6.87
N ALA C 136 17.35 16.87 -6.14
CA ALA C 136 16.73 15.55 -6.04
C ALA C 136 16.03 15.15 -7.34
N PRO C 137 16.35 14.00 -7.93
CA PRO C 137 15.62 13.59 -9.13
C PRO C 137 14.18 13.25 -8.81
N ARG C 138 13.34 13.36 -9.86
CA ARG C 138 11.94 13.01 -9.74
C ARG C 138 11.74 11.50 -9.90
N TYR C 139 12.45 10.86 -10.81
CA TYR C 139 12.24 9.44 -11.07
C TYR C 139 13.54 8.70 -11.33
N LEU C 140 13.75 7.54 -10.71
CA LEU C 140 14.95 6.72 -10.91
C LEU C 140 14.58 5.31 -11.37
N GLU C 141 15.25 4.84 -12.41
CA GLU C 141 15.07 3.50 -12.96
C GLU C 141 16.42 2.82 -13.01
N ALA C 142 16.54 1.62 -12.46
CA ALA C 142 17.85 0.98 -12.41
C ALA C 142 17.74 -0.51 -12.66
N GLU C 143 18.76 -1.04 -13.33
CA GLU C 143 18.91 -2.49 -13.46
C GLU C 143 20.32 -2.88 -13.00
N ARG C 144 20.39 -3.91 -12.16
CA ARG C 144 21.68 -4.49 -11.75
C ARG C 144 21.54 -6.00 -11.94
N LEU C 145 22.04 -6.49 -13.08
CA LEU C 145 21.81 -7.85 -13.56
C LEU C 145 23.15 -8.54 -13.67
N ALA C 146 23.30 -9.63 -12.94
CA ALA C 146 24.53 -10.39 -12.88
C ALA C 146 24.31 -11.79 -13.45
N PRO C 147 25.31 -12.35 -14.11
CA PRO C 147 25.21 -13.75 -14.51
C PRO C 147 25.34 -14.68 -13.32
N PHE C 148 24.62 -15.79 -13.38
CA PHE C 148 24.74 -16.83 -12.37
C PHE C 148 26.13 -17.43 -12.41
N LYS C 149 26.75 -17.57 -11.23
CA LYS C 149 28.07 -18.11 -11.08
C LYS C 149 27.99 -19.13 -9.95
N PRO C 150 29.03 -19.96 -9.75
CA PRO C 150 28.98 -20.93 -8.65
C PRO C 150 28.71 -20.29 -7.30
N ARG C 151 29.24 -19.08 -7.05
CA ARG C 151 29.00 -18.35 -5.81
C ARG C 151 27.57 -17.86 -5.67
N SER C 152 26.82 -17.77 -6.78
CA SER C 152 25.65 -16.90 -6.87
C SER C 152 24.49 -17.33 -5.98
N LEU C 153 24.41 -18.59 -5.57
CA LEU C 153 23.37 -18.98 -4.63
C LEU C 153 23.51 -18.26 -3.30
N ASP C 154 24.71 -17.80 -2.95
CA ASP C 154 24.91 -16.99 -1.77
C ASP C 154 24.82 -15.49 -2.06
N ILE C 155 24.19 -15.10 -3.16
CA ILE C 155 23.94 -13.71 -3.51
C ILE C 155 22.50 -13.40 -3.19
N ASP C 156 22.29 -12.57 -2.16
CA ASP C 156 20.97 -12.02 -1.82
C ASP C 156 20.66 -10.94 -2.84
N VAL C 157 19.62 -11.16 -3.68
CA VAL C 157 19.37 -10.25 -4.79
C VAL C 157 19.18 -8.82 -4.29
N ILE C 158 18.53 -8.66 -3.14
CA ILE C 158 18.26 -7.33 -2.59
C ILE C 158 19.43 -6.82 -1.75
N MET C 159 19.90 -7.65 -0.81
CA MET C 159 20.95 -7.22 0.12
C MET C 159 22.33 -7.18 -0.51
N ASP C 160 22.56 -7.87 -1.61
CA ASP C 160 23.87 -7.87 -2.25
C ASP C 160 23.90 -7.13 -3.57
N LEU C 161 22.79 -7.05 -4.30
CA LEU C 161 22.74 -6.34 -5.57
C LEU C 161 21.90 -5.06 -5.50
N MET C 162 20.61 -5.16 -5.14
CA MET C 162 19.75 -3.99 -5.22
C MET C 162 20.14 -2.90 -4.23
N ILE C 163 20.77 -3.30 -3.12
CA ILE C 163 21.23 -2.38 -2.08
C ILE C 163 22.00 -1.20 -2.66
N HIS C 164 22.76 -1.43 -3.74
CA HIS C 164 23.55 -0.35 -4.34
C HIS C 164 22.66 0.79 -4.83
N ASP C 165 21.63 0.45 -5.61
CA ASP C 165 20.75 1.47 -6.18
C ASP C 165 19.76 1.99 -5.15
N LEU C 166 19.39 1.15 -4.17
CA LEU C 166 18.64 1.67 -3.03
C LEU C 166 19.41 2.77 -2.34
N ASP C 167 20.71 2.54 -2.10
CA ASP C 167 21.52 3.56 -1.45
C ASP C 167 21.67 4.80 -2.32
N LEU C 168 21.99 4.60 -3.61
CA LEU C 168 22.11 5.74 -4.51
C LEU C 168 20.82 6.57 -4.52
N THR C 169 19.67 5.89 -4.45
CA THR C 169 18.38 6.59 -4.44
C THR C 169 18.27 7.46 -3.19
N LEU C 170 18.51 6.85 -2.03
CA LEU C 170 18.41 7.62 -0.80
C LEU C 170 19.38 8.80 -0.79
N LEU C 171 20.56 8.61 -1.40
CA LEU C 171 21.61 9.64 -1.33
C LEU C 171 21.30 10.79 -2.27
N LEU C 172 20.96 10.48 -3.52
CA LEU C 172 20.65 11.52 -4.47
C LEU C 172 19.41 12.29 -4.06
N THR C 173 18.44 11.61 -3.44
CA THR C 173 17.18 12.29 -3.10
C THR C 173 17.23 13.00 -1.76
N GLY C 174 17.94 12.46 -0.78
CA GLY C 174 17.86 13.01 0.56
C GLY C 174 16.55 12.75 1.25
N ALA C 175 15.79 11.76 0.79
CA ALA C 175 14.41 11.53 1.19
C ALA C 175 14.27 10.17 1.86
N GLU C 176 13.08 9.91 2.41
CA GLU C 176 12.87 8.66 3.12
C GLU C 176 11.70 7.87 2.53
N PRO C 177 11.77 6.54 2.55
CA PRO C 177 10.69 5.74 1.95
C PRO C 177 9.37 5.96 2.68
N VAL C 178 8.32 6.18 1.89
CA VAL C 178 6.98 6.18 2.40
C VAL C 178 6.18 4.98 1.92
N ASP C 179 6.56 4.37 0.80
CA ASP C 179 5.86 3.19 0.31
C ASP C 179 6.85 2.30 -0.42
N VAL C 180 6.80 1.00 -0.16
CA VAL C 180 7.64 0.02 -0.85
C VAL C 180 6.74 -1.08 -1.39
N ARG C 181 6.78 -1.30 -2.71
CA ARG C 181 6.11 -2.44 -3.29
C ARG C 181 7.13 -3.23 -4.10
N ALA C 182 6.92 -4.53 -4.27
CA ALA C 182 7.97 -5.32 -4.90
C ALA C 182 7.41 -6.61 -5.45
N VAL C 183 8.11 -7.14 -6.46
CA VAL C 183 7.88 -8.47 -7.00
C VAL C 183 9.18 -9.24 -6.96
N GLY C 184 9.05 -10.57 -7.01
CA GLY C 184 10.20 -11.45 -7.07
C GLY C 184 9.90 -12.66 -7.92
N VAL C 185 10.96 -13.23 -8.50
CA VAL C 185 10.91 -14.51 -9.19
C VAL C 185 12.02 -15.40 -8.63
N ALA C 186 11.64 -16.63 -8.26
CA ALA C 186 12.54 -17.61 -7.63
C ALA C 186 12.51 -18.85 -8.51
N ALA C 187 13.53 -19.01 -9.37
CA ALA C 187 13.56 -20.16 -10.28
C ALA C 187 14.44 -21.31 -9.77
N VAL C 188 15.54 -21.00 -9.09
CA VAL C 188 16.51 -22.02 -8.69
C VAL C 188 16.10 -22.68 -7.37
N THR C 189 15.80 -21.86 -6.37
CA THR C 189 15.37 -22.27 -5.04
C THR C 189 14.10 -21.51 -4.71
N ASP C 190 13.71 -21.53 -3.43
CA ASP C 190 12.63 -20.66 -2.96
C ASP C 190 13.05 -19.19 -2.93
N LYS C 191 14.35 -18.90 -2.78
CA LYS C 191 14.83 -17.53 -2.66
C LYS C 191 14.75 -16.80 -4.01
N ALA C 192 14.59 -15.48 -3.93
CA ALA C 192 14.46 -14.65 -5.12
C ALA C 192 15.70 -14.78 -6.01
N ASP C 193 15.50 -15.17 -7.26
CA ASP C 193 16.55 -15.04 -8.28
C ASP C 193 16.53 -13.65 -8.90
N MET C 194 15.38 -13.00 -8.90
CA MET C 194 15.26 -11.66 -9.45
C MET C 194 14.19 -10.95 -8.65
N ALA C 195 14.34 -9.63 -8.56
CA ALA C 195 13.41 -8.84 -7.80
C ALA C 195 13.33 -7.45 -8.42
N THR C 196 12.13 -6.88 -8.40
CA THR C 196 11.94 -5.50 -8.80
C THR C 196 11.15 -4.79 -7.72
N ALA C 197 11.67 -3.65 -7.28
CA ALA C 197 11.01 -2.81 -6.28
C ALA C 197 10.55 -1.48 -6.88
N TRP C 198 9.44 -0.98 -6.35
CA TRP C 198 8.83 0.30 -6.72
C TRP C 198 8.65 1.08 -5.43
N MET C 199 9.48 2.10 -5.26
CA MET C 199 9.66 2.77 -3.98
C MET C 199 9.24 4.22 -4.12
N THR C 200 8.38 4.67 -3.22
CA THR C 200 7.97 6.06 -3.17
C THR C 200 8.55 6.68 -1.90
N LEU C 201 9.25 7.81 -2.09
CA LEU C 201 9.86 8.62 -1.06
C LEU C 201 8.95 9.77 -0.66
N ASN C 202 9.23 10.35 0.51
CA ASN C 202 8.37 11.39 1.08
C ASN C 202 8.49 12.71 0.35
N ASN C 203 9.43 12.85 -0.59
CA ASN C 203 9.49 14.03 -1.42
C ASN C 203 8.76 13.83 -2.74
N GLY C 204 8.05 12.70 -2.89
CA GLY C 204 7.38 12.33 -4.12
C GLY C 204 8.22 11.56 -5.12
N THR C 205 9.52 11.38 -4.89
CA THR C 205 10.36 10.70 -5.87
C THR C 205 10.01 9.22 -5.93
N VAL C 206 10.05 8.64 -7.13
CA VAL C 206 9.79 7.22 -7.32
C VAL C 206 11.05 6.55 -7.84
N ALA C 207 11.38 5.39 -7.28
CA ALA C 207 12.50 4.58 -7.72
C ALA C 207 12.01 3.21 -8.17
N ASN C 208 12.45 2.77 -9.34
CA ASN C 208 12.01 1.53 -9.97
C ASN C 208 13.30 0.75 -10.20
N LEU C 209 13.57 -0.21 -9.30
CA LEU C 209 14.90 -0.83 -9.20
C LEU C 209 14.80 -2.32 -9.45
N ALA C 210 15.55 -2.81 -10.44
CA ALA C 210 15.59 -4.22 -10.80
C ALA C 210 16.95 -4.82 -10.48
N ALA C 211 16.94 -6.05 -9.99
CA ALA C 211 18.18 -6.77 -9.71
C ALA C 211 17.95 -8.25 -10.02
N SER C 212 18.92 -8.86 -10.67
CA SER C 212 18.86 -10.28 -11.01
C SER C 212 20.24 -10.91 -10.91
N ARG C 213 20.28 -12.15 -10.40
CA ARG C 213 21.50 -12.95 -10.37
C ARG C 213 21.47 -14.11 -11.36
N VAL C 214 20.41 -14.24 -12.15
CA VAL C 214 20.25 -15.33 -13.09
C VAL C 214 20.16 -14.83 -14.53
N VAL C 215 20.66 -13.63 -14.80
CA VAL C 215 20.72 -13.17 -16.18
C VAL C 215 21.95 -13.82 -16.78
N ARG C 216 22.12 -13.73 -18.09
CA ARG C 216 23.37 -14.21 -18.65
C ARG C 216 24.10 -13.16 -19.48
N GLU C 217 23.58 -11.94 -19.56
CA GLU C 217 24.35 -10.77 -19.97
C GLU C 217 24.41 -9.79 -18.81
N PRO C 218 25.59 -9.46 -18.28
CA PRO C 218 25.66 -8.48 -17.18
C PRO C 218 25.25 -7.09 -17.63
N ALA C 219 24.51 -6.40 -16.77
CA ALA C 219 24.11 -5.01 -17.04
C ALA C 219 24.00 -4.24 -15.74
N ARG C 220 24.67 -3.10 -15.65
CA ARG C 220 24.56 -2.19 -14.52
C ARG C 220 24.22 -0.83 -15.13
N ARG C 221 22.93 -0.52 -15.18
CA ARG C 221 22.49 0.73 -15.76
C ARG C 221 21.60 1.48 -14.77
N MET C 222 21.57 2.80 -14.93
CA MET C 222 20.63 3.64 -14.21
C MET C 222 20.21 4.80 -15.11
N ARG C 223 18.92 5.07 -15.15
CA ARG C 223 18.40 6.27 -15.76
C ARG C 223 17.80 7.12 -14.65
N ILE C 224 18.12 8.42 -14.68
CA ILE C 224 17.79 9.37 -13.62
C ILE C 224 17.10 10.55 -14.26
N PHE C 225 15.91 10.92 -13.75
CA PHE C 225 15.09 11.97 -14.35
C PHE C 225 14.85 13.08 -13.33
N TRP C 226 15.46 14.24 -13.58
CA TRP C 226 15.09 15.52 -13.01
C TRP C 226 14.08 16.20 -13.94
N GLN C 227 13.61 17.38 -13.54
CA GLN C 227 12.61 18.10 -14.33
C GLN C 227 13.15 18.57 -15.67
N ASP C 228 14.43 18.90 -15.76
CA ASP C 228 14.98 19.43 -17.00
C ASP C 228 16.19 18.66 -17.52
N ARG C 229 16.46 17.47 -16.99
CA ARG C 229 17.74 16.79 -17.21
C ARG C 229 17.55 15.30 -17.01
N TYR C 230 17.91 14.50 -18.01
CA TYR C 230 17.82 13.06 -17.93
C TYR C 230 19.24 12.49 -18.07
N ALA C 231 19.70 11.80 -17.04
CA ALA C 231 21.04 11.22 -17.02
C ALA C 231 20.95 9.71 -17.22
N SER C 232 21.70 9.17 -18.16
CA SER C 232 21.75 7.74 -18.39
C SER C 232 23.17 7.29 -18.07
N VAL C 233 23.31 6.48 -17.02
CA VAL C 233 24.60 6.01 -16.54
C VAL C 233 24.72 4.53 -16.88
N ASP C 234 25.80 4.17 -17.55
CA ASP C 234 26.20 2.79 -17.71
C ASP C 234 27.40 2.59 -16.79
N PHE C 235 27.13 2.06 -15.60
CA PHE C 235 28.19 1.84 -14.63
C PHE C 235 29.23 0.89 -15.18
N LEU C 236 28.77 -0.19 -15.82
CA LEU C 236 29.66 -1.26 -16.29
C LEU C 236 30.65 -0.76 -17.32
N ASN C 237 30.18 0.03 -18.28
CA ASN C 237 31.02 0.54 -19.35
C ASN C 237 31.56 1.92 -19.04
N ASN C 238 31.28 2.42 -17.84
CA ASN C 238 31.73 3.74 -17.40
C ASN C 238 31.35 4.83 -18.39
N THR C 239 30.07 4.91 -18.75
CA THR C 239 29.62 6.01 -19.59
C THR C 239 28.51 6.76 -18.89
N LEU C 240 28.40 8.05 -19.23
CA LEU C 240 27.36 8.92 -18.69
C LEU C 240 26.90 9.86 -19.79
N HIS C 241 25.60 9.90 -20.03
CA HIS C 241 25.03 10.84 -20.98
C HIS C 241 23.98 11.68 -20.25
N ILE C 242 23.96 12.98 -20.54
CA ILE C 242 23.03 13.90 -19.91
C ILE C 242 22.29 14.67 -20.98
N TYR C 243 20.97 14.62 -20.94
CA TYR C 243 20.11 15.23 -21.93
C TYR C 243 19.41 16.40 -21.24
N HIS C 244 19.56 17.60 -21.80
CA HIS C 244 18.79 18.73 -21.31
C HIS C 244 17.69 19.10 -22.31
N ARG C 245 16.55 19.50 -21.77
CA ARG C 245 15.37 19.86 -22.53
C ARG C 245 15.67 20.89 -23.61
N GLY C 255 13.90 17.14 -29.42
CA GLY C 255 14.52 18.45 -29.67
C GLY C 255 15.42 18.84 -28.51
N VAL C 256 16.18 17.88 -28.01
CA VAL C 256 17.06 18.07 -26.82
C VAL C 256 18.52 17.79 -27.20
N ARG C 257 19.47 18.06 -26.31
CA ARG C 257 20.92 17.88 -26.60
C ARG C 257 21.52 16.73 -25.77
N ASP C 258 22.24 15.81 -26.42
CA ASP C 258 22.91 14.70 -25.74
C ASP C 258 24.35 15.09 -25.42
N GLU C 259 24.62 15.41 -24.15
CA GLU C 259 25.98 15.70 -23.68
C GLU C 259 26.61 14.42 -23.18
N ALA C 260 27.63 13.93 -23.89
CA ALA C 260 28.39 12.78 -23.44
C ALA C 260 29.48 13.24 -22.47
N VAL C 261 29.43 12.76 -21.23
CA VAL C 261 30.36 13.21 -20.20
C VAL C 261 31.57 12.28 -20.16
N ASP C 262 32.74 12.83 -20.42
CA ASP C 262 33.96 12.03 -20.39
C ASP C 262 34.26 11.69 -18.95
N LEU C 263 33.99 10.44 -18.58
CA LEU C 263 34.29 9.95 -17.24
C LEU C 263 35.69 9.36 -17.20
N ALA C 264 36.41 9.66 -16.13
CA ALA C 264 37.70 9.01 -15.91
C ALA C 264 37.51 7.64 -15.26
N LYS C 265 38.42 6.72 -15.57
CA LYS C 265 38.50 5.46 -14.84
C LYS C 265 39.17 5.72 -13.49
N ARG C 266 38.68 5.06 -12.45
CA ARG C 266 39.34 5.19 -11.16
C ARG C 266 39.15 3.93 -10.33
N ASP C 267 40.13 3.67 -9.46
CA ASP C 267 40.11 2.56 -8.51
C ASP C 267 39.13 2.89 -7.39
N ALA C 268 37.91 2.38 -7.49
CA ALA C 268 36.89 2.81 -6.53
C ALA C 268 37.21 2.37 -5.10
N LEU C 269 37.81 1.19 -4.91
CA LEU C 269 38.09 0.74 -3.54
C LEU C 269 39.22 1.56 -2.92
N ALA C 270 40.24 1.91 -3.71
CA ALA C 270 41.27 2.84 -3.22
C ALA C 270 40.64 4.16 -2.79
N ALA C 271 39.76 4.73 -3.62
CA ALA C 271 39.14 6.00 -3.26
C ALA C 271 38.34 5.87 -1.97
N GLU C 272 37.57 4.80 -1.87
CA GLU C 272 36.79 4.52 -0.67
C GLU C 272 37.67 4.48 0.58
N ILE C 273 38.77 3.72 0.52
CA ILE C 273 39.61 3.54 1.71
C ILE C 273 40.33 4.84 2.05
N GLU C 274 40.86 5.55 1.04
CA GLU C 274 41.51 6.83 1.32
C GLU C 274 40.52 7.82 1.92
N ASP C 275 39.26 7.81 1.47
CA ASP C 275 38.25 8.65 2.09
C ASP C 275 38.03 8.30 3.56
N PHE C 276 37.96 7.00 3.86
CA PHE C 276 37.87 6.53 5.25
C PHE C 276 39.02 7.07 6.11
N LEU C 277 40.24 6.97 5.58
CA LEU C 277 41.41 7.31 6.38
C LEU C 277 41.57 8.82 6.53
N ASN C 278 41.30 9.57 5.47
CA ASN C 278 41.27 11.03 5.59
C ASN C 278 40.23 11.47 6.59
N ALA C 279 39.07 10.80 6.63
CA ALA C 279 38.06 11.18 7.60
C ALA C 279 38.57 10.97 9.03
N ILE C 280 39.29 9.88 9.27
CA ILE C 280 39.90 9.70 10.59
C ILE C 280 40.89 10.83 10.90
N ALA C 281 41.74 11.15 9.92
CA ALA C 281 42.86 12.06 10.17
C ALA C 281 42.40 13.52 10.31
N ALA C 282 41.51 13.97 9.43
CA ALA C 282 41.07 15.35 9.38
C ALA C 282 39.79 15.61 10.14
N HIS C 283 39.18 14.56 10.72
CA HIS C 283 37.90 14.70 11.40
C HIS C 283 36.82 15.24 10.47
N ARG C 284 36.86 14.85 9.18
CA ARG C 284 35.87 15.28 8.21
C ARG C 284 34.83 14.18 7.95
N PRO C 285 33.69 14.51 7.35
CA PRO C 285 32.66 13.48 7.14
C PRO C 285 33.07 12.48 6.06
N VAL C 286 32.71 11.22 6.27
CA VAL C 286 33.11 10.13 5.41
C VAL C 286 32.08 9.94 4.29
N PHE C 287 32.49 9.21 3.25
CA PHE C 287 31.64 9.03 2.07
C PHE C 287 30.33 8.34 2.43
N CYS C 288 30.33 7.45 3.42
CA CYS C 288 29.10 6.80 3.85
C CYS C 288 29.29 6.33 5.27
N ASP C 289 28.60 6.96 6.23
CA ASP C 289 28.76 6.58 7.62
C ASP C 289 27.73 5.53 8.04
N GLY C 290 27.76 5.16 9.32
CA GLY C 290 26.87 4.13 9.83
C GLY C 290 25.41 4.52 9.77
N VAL C 291 25.11 5.82 9.91
CA VAL C 291 23.72 6.29 9.82
C VAL C 291 23.17 6.06 8.41
N ALA C 292 23.94 6.45 7.38
CA ALA C 292 23.51 6.18 6.01
C ALA C 292 23.42 4.67 5.74
N GLY C 293 24.38 3.91 6.28
CA GLY C 293 24.35 2.47 6.10
C GLY C 293 23.10 1.84 6.65
N ARG C 294 22.67 2.28 7.83
CA ARG C 294 21.42 1.79 8.40
C ARG C 294 20.21 2.25 7.61
N ARG C 295 20.22 3.51 7.13
N ARG C 295 20.24 3.49 7.12
CA ARG C 295 19.08 3.98 6.33
CA ARG C 295 19.13 4.05 6.30
C ARG C 295 18.86 3.09 5.12
C ARG C 295 18.88 3.13 5.10
N VAL C 296 19.93 2.80 4.36
CA VAL C 296 19.73 1.93 3.21
C VAL C 296 19.41 0.50 3.66
N LEU C 297 19.98 0.06 4.80
CA LEU C 297 19.71 -1.29 5.27
C LEU C 297 18.23 -1.48 5.60
N ALA C 298 17.63 -0.48 6.25
CA ALA C 298 16.22 -0.53 6.59
C ALA C 298 15.34 -0.53 5.34
N ALA C 299 15.68 0.31 4.35
CA ALA C 299 14.93 0.25 3.09
C ALA C 299 15.05 -1.13 2.43
N ALA C 300 16.25 -1.71 2.45
CA ALA C 300 16.45 -2.98 1.78
C ALA C 300 15.66 -4.09 2.47
N LEU C 301 15.59 -4.02 3.80
CA LEU C 301 14.76 -4.96 4.55
C LEU C 301 13.28 -4.78 4.20
N GLN C 302 12.82 -3.53 4.08
CA GLN C 302 11.45 -3.30 3.61
C GLN C 302 11.22 -3.96 2.25
N VAL C 303 12.17 -3.77 1.33
CA VAL C 303 12.06 -4.40 0.02
C VAL C 303 11.98 -5.92 0.15
N ARG C 304 12.92 -6.51 0.89
CA ARG C 304 12.98 -7.95 0.92
C ARG C 304 11.75 -8.54 1.59
N VAL C 305 11.19 -7.84 2.58
CA VAL C 305 9.93 -8.30 3.16
C VAL C 305 8.86 -8.32 2.09
N ALA C 306 8.82 -7.29 1.25
CA ALA C 306 7.83 -7.26 0.18
C ALA C 306 8.06 -8.41 -0.81
N VAL C 307 9.31 -8.66 -1.19
CA VAL C 307 9.58 -9.67 -2.21
C VAL C 307 9.21 -11.06 -1.69
N GLU C 308 9.59 -11.36 -0.44
CA GLU C 308 9.22 -12.66 0.14
C GLU C 308 7.71 -12.75 0.36
N ALA C 309 7.02 -11.63 0.60
CA ALA C 309 5.56 -11.68 0.66
C ALA C 309 4.98 -12.00 -0.71
N PHE C 310 5.55 -11.41 -1.76
CA PHE C 310 5.10 -11.72 -3.12
C PHE C 310 5.28 -13.20 -3.44
N LEU C 311 6.47 -13.74 -3.19
CA LEU C 311 6.75 -15.13 -3.51
C LEU C 311 5.90 -16.11 -2.71
N GLN C 312 5.18 -15.65 -1.69
CA GLN C 312 4.49 -16.48 -0.68
C GLN C 312 5.49 -17.38 0.04
N MET D 1 -14.47 -15.43 -47.00
CA MET D 1 -15.58 -14.83 -47.77
C MET D 1 -16.85 -14.93 -46.92
N ILE D 2 -17.21 -13.86 -46.24
CA ILE D 2 -18.47 -13.85 -45.45
C ILE D 2 -19.47 -13.10 -46.32
N HIS D 3 -20.69 -13.56 -46.35
CA HIS D 3 -21.72 -12.85 -47.10
C HIS D 3 -22.26 -11.79 -46.16
N MET D 4 -21.68 -10.60 -46.24
CA MET D 4 -21.94 -9.55 -45.27
C MET D 4 -21.78 -8.21 -45.97
N ARG D 5 -22.75 -7.32 -45.79
CA ARG D 5 -22.63 -5.96 -46.30
C ARG D 5 -21.86 -5.13 -45.29
N THR D 6 -20.69 -4.64 -45.72
CA THR D 6 -19.75 -3.96 -44.84
C THR D 6 -19.44 -2.54 -45.31
N GLY D 7 -18.98 -1.73 -44.34
CA GLY D 7 -18.55 -0.37 -44.60
C GLY D 7 -17.52 0.11 -43.59
N VAL D 8 -16.90 1.25 -43.91
CA VAL D 8 -15.98 1.92 -42.98
C VAL D 8 -16.30 3.40 -42.95
N ILE D 9 -16.39 3.95 -41.74
CA ILE D 9 -16.61 5.37 -41.48
C ILE D 9 -15.28 5.91 -40.98
N GLY D 10 -14.60 6.71 -41.82
CA GLY D 10 -13.29 7.25 -41.50
C GLY D 10 -12.20 6.47 -42.17
N VAL D 11 -11.71 6.96 -43.30
CA VAL D 11 -10.78 6.22 -44.14
C VAL D 11 -9.50 7.01 -44.25
N GLY D 12 -9.09 7.59 -43.13
CA GLY D 12 -7.74 8.09 -43.00
C GLY D 12 -6.73 6.96 -42.97
N HIS D 13 -5.59 7.18 -42.28
CA HIS D 13 -4.45 6.30 -42.41
C HIS D 13 -4.81 4.83 -42.16
N LEU D 14 -5.50 4.56 -41.06
CA LEU D 14 -5.80 3.19 -40.63
C LEU D 14 -7.14 2.67 -41.18
N GLY D 15 -8.16 3.53 -41.26
CA GLY D 15 -9.44 3.11 -41.80
C GLY D 15 -9.37 2.66 -43.24
N ARG D 16 -8.41 3.19 -43.99
CA ARG D 16 -8.18 2.70 -45.36
C ARG D 16 -7.72 1.23 -45.34
N PHE D 17 -6.81 0.87 -44.42
CA PHE D 17 -6.47 -0.54 -44.25
C PHE D 17 -7.70 -1.38 -43.91
N HIS D 18 -8.51 -0.90 -42.96
CA HIS D 18 -9.78 -1.58 -42.64
C HIS D 18 -10.60 -1.83 -43.91
N ALA D 19 -10.76 -0.81 -44.74
CA ALA D 19 -11.56 -0.96 -45.95
C ALA D 19 -10.93 -1.96 -46.90
N GLN D 20 -9.60 -2.02 -46.95
CA GLN D 20 -8.95 -3.01 -47.82
C GLN D 20 -9.26 -4.42 -47.34
N LYS D 21 -9.14 -4.65 -46.03
CA LYS D 21 -9.48 -5.96 -45.48
C LYS D 21 -10.94 -6.34 -45.80
N TYR D 22 -11.87 -5.41 -45.56
CA TYR D 22 -13.29 -5.69 -45.81
C TYR D 22 -13.55 -5.99 -47.28
N ALA D 23 -12.85 -5.29 -48.18
CA ALA D 23 -12.98 -5.60 -49.59
C ALA D 23 -12.53 -7.02 -49.87
N ALA D 24 -11.48 -7.47 -49.17
CA ALA D 24 -10.98 -8.81 -49.43
C ALA D 24 -11.91 -9.92 -48.93
N ILE D 25 -12.64 -9.72 -47.83
CA ILE D 25 -13.36 -10.85 -47.24
C ILE D 25 -14.87 -10.71 -47.22
N SER D 26 -15.44 -9.59 -47.68
CA SER D 26 -16.87 -9.33 -47.48
C SER D 26 -17.43 -8.61 -48.70
N GLN D 27 -18.65 -8.11 -48.59
CA GLN D 27 -19.23 -7.26 -49.63
C GLN D 27 -19.13 -5.83 -49.14
N LEU D 28 -18.04 -5.17 -49.51
CA LEU D 28 -17.81 -3.78 -49.11
C LEU D 28 -18.71 -2.91 -49.98
N ALA D 29 -19.79 -2.39 -49.39
CA ALA D 29 -20.59 -1.42 -50.11
C ALA D 29 -19.78 -0.15 -50.37
N GLY D 30 -19.16 0.41 -49.33
CA GLY D 30 -18.43 1.65 -49.53
C GLY D 30 -17.90 2.23 -48.23
N VAL D 31 -17.52 3.51 -48.30
CA VAL D 31 -16.88 4.22 -47.20
C VAL D 31 -17.53 5.59 -47.04
N PHE D 32 -17.40 6.15 -45.84
CA PHE D 32 -17.74 7.55 -45.63
C PHE D 32 -16.65 8.23 -44.83
N ASP D 33 -16.30 9.44 -45.24
CA ASP D 33 -15.33 10.26 -44.55
C ASP D 33 -15.80 11.70 -44.68
N GLU D 34 -15.53 12.51 -43.64
CA GLU D 34 -15.87 13.92 -43.70
C GLU D 34 -15.09 14.66 -44.75
N ASN D 35 -13.92 14.15 -45.15
CA ASN D 35 -13.11 14.70 -46.23
C ASN D 35 -13.49 13.94 -47.50
N ALA D 36 -14.27 14.59 -48.37
CA ALA D 36 -14.84 13.90 -49.52
C ALA D 36 -13.79 13.52 -50.55
N GLU D 37 -12.74 14.33 -50.67
CA GLU D 37 -11.60 13.95 -51.52
C GLU D 37 -11.04 12.60 -51.09
N ARG D 38 -10.85 12.41 -49.78
CA ARG D 38 -10.23 11.21 -49.25
C ARG D 38 -11.15 10.01 -49.42
N ALA D 39 -12.43 10.18 -49.11
CA ALA D 39 -13.43 9.16 -49.36
C ALA D 39 -13.41 8.72 -50.83
N ALA D 40 -13.37 9.67 -51.75
CA ALA D 40 -13.40 9.34 -53.17
C ALA D 40 -12.16 8.57 -53.60
N GLU D 41 -11.00 8.98 -53.07
CA GLU D 41 -9.75 8.25 -53.35
C GLU D 41 -9.84 6.79 -52.91
N VAL D 42 -10.34 6.55 -51.69
CA VAL D 42 -10.45 5.18 -51.19
C VAL D 42 -11.46 4.39 -52.01
N ALA D 43 -12.59 5.02 -52.34
CA ALA D 43 -13.61 4.36 -53.15
C ALA D 43 -13.06 3.94 -54.51
N ALA D 44 -12.30 4.83 -55.18
CA ALA D 44 -11.76 4.49 -56.48
C ALA D 44 -10.71 3.40 -56.37
N GLU D 45 -9.90 3.44 -55.31
CA GLU D 45 -8.91 2.40 -55.10
C GLU D 45 -9.57 1.04 -54.90
N LEU D 46 -10.62 0.98 -54.08
CA LEU D 46 -11.32 -0.27 -53.78
C LEU D 46 -12.58 -0.48 -54.63
N ARG D 47 -12.85 0.40 -55.59
CA ARG D 47 -13.98 0.28 -56.52
C ARG D 47 -15.28 0.00 -55.78
N CYS D 48 -15.49 0.74 -54.71
CA CYS D 48 -16.73 0.77 -53.95
C CYS D 48 -17.30 2.17 -54.04
N ARG D 49 -18.34 2.43 -53.26
CA ARG D 49 -18.96 3.75 -53.28
C ARG D 49 -18.36 4.65 -52.20
N ALA D 50 -18.20 5.94 -52.55
CA ALA D 50 -17.93 7.00 -51.59
C ALA D 50 -19.28 7.66 -51.29
N PHE D 51 -19.86 7.29 -50.16
CA PHE D 51 -21.21 7.72 -49.85
C PHE D 51 -21.22 9.20 -49.47
N PRO D 52 -22.35 9.89 -49.72
CA PRO D 52 -22.40 11.34 -49.43
C PRO D 52 -22.70 11.69 -47.98
N SER D 53 -23.24 10.76 -47.19
CA SER D 53 -23.49 10.98 -45.78
C SER D 53 -23.21 9.68 -45.04
N VAL D 54 -23.04 9.79 -43.72
CA VAL D 54 -22.90 8.58 -42.93
C VAL D 54 -24.19 7.75 -42.99
N ASP D 55 -25.34 8.40 -43.09
CA ASP D 55 -26.62 7.66 -43.06
C ASP D 55 -26.84 6.90 -44.35
N ALA D 56 -26.36 7.43 -45.47
CA ALA D 56 -26.44 6.71 -46.74
C ALA D 56 -25.64 5.42 -46.67
N LEU D 57 -24.39 5.51 -46.18
CA LEU D 57 -23.61 4.29 -45.97
C LEU D 57 -24.34 3.33 -45.04
N LEU D 58 -24.88 3.83 -43.93
CA LEU D 58 -25.45 2.92 -42.94
C LEU D 58 -26.68 2.20 -43.46
N ALA D 59 -27.49 2.87 -44.30
CA ALA D 59 -28.63 2.21 -44.92
C ALA D 59 -28.22 0.99 -45.74
N GLU D 60 -26.99 0.98 -46.24
CA GLU D 60 -26.53 -0.01 -47.21
C GLU D 60 -25.74 -1.17 -46.59
N VAL D 61 -25.47 -1.15 -45.27
CA VAL D 61 -24.52 -2.10 -44.69
C VAL D 61 -25.12 -2.82 -43.49
N ASP D 62 -24.50 -3.96 -43.19
CA ASP D 62 -24.77 -4.70 -41.97
C ASP D 62 -23.75 -4.39 -40.87
N ALA D 63 -22.50 -4.14 -41.23
CA ALA D 63 -21.47 -3.95 -40.20
C ALA D 63 -20.44 -2.94 -40.68
N VAL D 64 -19.84 -2.21 -39.74
CA VAL D 64 -18.90 -1.15 -40.08
C VAL D 64 -17.73 -1.13 -39.12
N SER D 65 -16.58 -0.73 -39.65
CA SER D 65 -15.50 -0.22 -38.83
C SER D 65 -15.66 1.30 -38.69
N ILE D 66 -15.37 1.79 -37.48
CA ILE D 66 -15.33 3.21 -37.15
C ILE D 66 -13.89 3.54 -36.79
N VAL D 67 -13.21 4.23 -37.72
CA VAL D 67 -11.80 4.57 -37.59
C VAL D 67 -11.68 6.08 -37.65
N THR D 68 -12.62 6.76 -37.03
CA THR D 68 -12.59 8.21 -36.88
C THR D 68 -11.81 8.58 -35.62
N PRO D 69 -11.54 9.87 -35.38
CA PRO D 69 -10.87 10.25 -34.14
C PRO D 69 -11.65 9.83 -32.90
N THR D 70 -10.90 9.50 -31.84
CA THR D 70 -11.45 8.91 -30.63
C THR D 70 -12.60 9.72 -30.05
N SER D 71 -12.43 11.05 -30.00
CA SER D 71 -13.51 11.93 -29.54
C SER D 71 -14.81 11.75 -30.32
N THR D 72 -14.75 11.24 -31.56
CA THR D 72 -15.94 11.10 -32.40
C THR D 72 -16.58 9.72 -32.34
N HIS D 73 -15.89 8.75 -31.71
CA HIS D 73 -16.40 7.39 -31.68
C HIS D 73 -17.81 7.35 -31.14
N PHE D 74 -18.08 8.09 -30.07
CA PHE D 74 -19.39 8.01 -29.45
C PHE D 74 -20.50 8.47 -30.39
N ALA D 75 -20.37 9.67 -30.96
CA ALA D 75 -21.41 10.20 -31.84
C ALA D 75 -21.60 9.32 -33.07
N VAL D 76 -20.49 8.91 -33.69
CA VAL D 76 -20.56 8.09 -34.90
C VAL D 76 -21.19 6.73 -34.57
N ALA D 77 -20.69 6.08 -33.52
CA ALA D 77 -21.19 4.75 -33.19
C ALA D 77 -22.65 4.80 -32.76
N GLU D 78 -23.06 5.90 -32.16
CA GLU D 78 -24.45 6.03 -31.73
C GLU D 78 -25.37 6.12 -32.95
N VAL D 79 -24.96 6.86 -33.98
CA VAL D 79 -25.80 6.84 -35.18
C VAL D 79 -25.72 5.47 -35.87
N ALA D 80 -24.56 4.81 -35.83
CA ALA D 80 -24.45 3.53 -36.52
C ALA D 80 -25.36 2.48 -35.88
N MET D 81 -25.33 2.38 -34.55
CA MET D 81 -26.15 1.37 -33.90
C MET D 81 -27.62 1.74 -33.96
N GLN D 82 -27.94 3.03 -33.88
CA GLN D 82 -29.32 3.46 -34.04
C GLN D 82 -29.91 2.96 -35.37
N ALA D 83 -29.08 2.92 -36.42
CA ALA D 83 -29.36 2.27 -37.70
C ALA D 83 -29.34 0.73 -37.61
N GLY D 84 -29.25 0.13 -36.42
CA GLY D 84 -29.15 -1.31 -36.31
C GLY D 84 -27.93 -1.91 -36.98
N VAL D 85 -26.81 -1.18 -37.02
CA VAL D 85 -25.60 -1.63 -37.71
C VAL D 85 -24.55 -2.05 -36.68
N HIS D 86 -23.98 -3.26 -36.86
CA HIS D 86 -22.91 -3.77 -35.98
C HIS D 86 -21.62 -2.96 -36.15
N CYS D 87 -20.83 -2.85 -35.06
CA CYS D 87 -19.74 -1.88 -34.99
C CYS D 87 -18.43 -2.48 -34.47
N LEU D 88 -17.38 -2.41 -35.27
CA LEU D 88 -16.00 -2.56 -34.83
C LEU D 88 -15.40 -1.15 -34.70
N ILE D 89 -15.15 -0.71 -33.47
CA ILE D 89 -14.64 0.63 -33.20
C ILE D 89 -13.15 0.52 -32.94
N GLU D 90 -12.37 1.28 -33.68
CA GLU D 90 -10.92 1.31 -33.47
C GLU D 90 -10.65 1.78 -32.03
N LYS D 91 -9.62 1.20 -31.40
CA LYS D 91 -9.26 1.61 -30.07
C LYS D 91 -8.67 3.03 -30.09
N PRO D 92 -8.73 3.76 -28.96
CA PRO D 92 -9.46 3.36 -27.75
C PRO D 92 -10.97 3.52 -27.94
N PHE D 93 -11.75 2.76 -27.17
CA PHE D 93 -13.20 2.70 -27.33
C PHE D 93 -13.80 4.11 -27.41
N THR D 94 -13.64 4.89 -26.34
CA THR D 94 -14.16 6.25 -26.27
C THR D 94 -13.20 7.10 -25.44
N LEU D 95 -13.62 8.34 -25.18
CA LEU D 95 -12.86 9.27 -24.34
C LEU D 95 -13.09 9.01 -22.87
N ASP D 96 -14.33 8.73 -22.47
CA ASP D 96 -14.64 8.51 -21.07
C ASP D 96 -15.58 7.31 -20.93
N THR D 97 -15.73 6.85 -19.69
CA THR D 97 -16.50 5.64 -19.42
C THR D 97 -17.99 5.84 -19.58
N GLU D 98 -18.48 7.08 -19.47
CA GLU D 98 -19.91 7.37 -19.65
C GLU D 98 -20.36 7.09 -21.08
N GLU D 99 -19.58 7.57 -22.07
CA GLU D 99 -19.86 7.29 -23.47
C GLU D 99 -19.88 5.79 -23.74
N ALA D 100 -18.88 5.09 -23.19
CA ALA D 100 -18.78 3.64 -23.35
C ALA D 100 -19.98 2.94 -22.74
N ASP D 101 -20.39 3.35 -21.54
CA ASP D 101 -21.59 2.79 -20.92
C ASP D 101 -22.78 2.92 -21.85
N ALA D 102 -22.99 4.11 -22.40
CA ALA D 102 -24.13 4.32 -23.27
C ALA D 102 -24.06 3.41 -24.48
N LEU D 103 -22.88 3.27 -25.09
CA LEU D 103 -22.78 2.42 -26.28
C LEU D 103 -23.01 0.95 -25.93
N ILE D 104 -22.40 0.46 -24.84
CA ILE D 104 -22.66 -0.90 -24.38
C ILE D 104 -24.16 -1.12 -24.23
N GLY D 105 -24.85 -0.16 -23.59
CA GLY D 105 -26.29 -0.30 -23.41
C GLY D 105 -27.05 -0.36 -24.72
N MET D 106 -26.67 0.50 -25.68
CA MET D 106 -27.31 0.49 -27.00
C MET D 106 -27.17 -0.88 -27.67
N ALA D 107 -25.96 -1.45 -27.62
CA ALA D 107 -25.72 -2.71 -28.31
C ALA D 107 -26.43 -3.85 -27.61
N GLN D 108 -26.47 -3.80 -26.28
CA GLN D 108 -27.24 -4.77 -25.51
C GLN D 108 -28.70 -4.75 -25.90
N GLU D 109 -29.31 -3.56 -25.86
CA GLU D 109 -30.73 -3.44 -26.19
C GLU D 109 -31.01 -3.87 -27.62
N ARG D 110 -30.10 -3.59 -28.55
CA ARG D 110 -30.33 -3.84 -29.97
C ARG D 110 -29.78 -5.18 -30.46
N HIS D 111 -29.13 -5.96 -29.59
CA HIS D 111 -28.56 -7.26 -29.97
C HIS D 111 -27.56 -7.11 -31.12
N LEU D 112 -26.69 -6.12 -31.02
CA LEU D 112 -25.65 -5.88 -32.00
C LEU D 112 -24.29 -6.32 -31.44
N VAL D 113 -23.40 -6.73 -32.34
CA VAL D 113 -22.03 -7.07 -31.96
C VAL D 113 -21.21 -5.79 -31.90
N LEU D 114 -20.69 -5.49 -30.71
CA LEU D 114 -19.90 -4.29 -30.48
C LEU D 114 -18.48 -4.75 -30.16
N ALA D 115 -17.58 -4.56 -31.11
CA ALA D 115 -16.20 -4.99 -30.96
C ALA D 115 -15.27 -3.76 -30.98
N ILE D 116 -14.19 -3.87 -30.22
CA ILE D 116 -13.22 -2.79 -30.08
C ILE D 116 -11.92 -3.27 -30.70
N GLY D 117 -11.23 -2.36 -31.39
CA GLY D 117 -10.02 -2.71 -32.13
C GLY D 117 -8.75 -2.87 -31.32
N HIS D 118 -8.74 -3.83 -30.37
CA HIS D 118 -7.54 -4.08 -29.57
C HIS D 118 -6.72 -5.19 -30.21
N ILE D 119 -5.96 -4.80 -31.22
CA ILE D 119 -5.38 -5.71 -32.21
C ILE D 119 -4.37 -6.67 -31.59
N LYS D 120 -3.75 -6.29 -30.47
CA LYS D 120 -2.75 -7.16 -29.84
C LYS D 120 -3.34 -8.48 -29.35
N ARG D 121 -4.66 -8.53 -29.14
CA ARG D 121 -5.30 -9.77 -28.76
C ARG D 121 -5.15 -10.85 -29.82
N VAL D 122 -4.95 -10.47 -31.10
CA VAL D 122 -4.78 -11.49 -32.12
C VAL D 122 -3.32 -11.68 -32.50
N HIS D 123 -2.40 -10.99 -31.82
CA HIS D 123 -1.00 -11.27 -32.05
C HIS D 123 -0.73 -12.76 -31.85
N PRO D 124 0.08 -13.40 -32.69
CA PRO D 124 0.25 -14.84 -32.60
C PRO D 124 0.88 -15.30 -31.30
N ALA D 125 1.79 -14.52 -30.71
CA ALA D 125 2.35 -14.94 -29.44
C ALA D 125 1.30 -14.95 -28.35
N ILE D 126 0.41 -13.95 -28.38
CA ILE D 126 -0.69 -13.89 -27.41
C ILE D 126 -1.65 -15.06 -27.60
N GLN D 127 -2.04 -15.36 -28.85
CA GLN D 127 -2.98 -16.47 -29.05
C GLN D 127 -2.34 -17.81 -28.66
N TYR D 128 -1.03 -17.96 -28.92
CA TYR D 128 -0.35 -19.16 -28.45
C TYR D 128 -0.40 -19.25 -26.93
N LEU D 129 -0.04 -18.17 -26.24
CA LEU D 129 0.02 -18.24 -24.78
C LEU D 129 -1.35 -18.50 -24.19
N ARG D 130 -2.40 -17.94 -24.81
CA ARG D 130 -3.74 -18.19 -24.31
C ARG D 130 -4.16 -19.65 -24.52
N GLN D 131 -3.80 -20.25 -25.66
CA GLN D 131 -4.18 -21.64 -25.86
C GLN D 131 -3.30 -22.63 -25.07
N ALA D 132 -2.17 -22.19 -24.53
CA ALA D 132 -1.40 -23.07 -23.65
C ALA D 132 -2.00 -23.16 -22.26
N GLY D 133 -2.95 -22.29 -21.92
CA GLY D 133 -3.66 -22.37 -20.65
C GLY D 133 -2.79 -22.38 -19.42
N PHE D 134 -1.91 -21.39 -19.27
CA PHE D 134 -1.05 -21.26 -18.10
C PHE D 134 -1.75 -20.62 -16.91
N GLY D 135 -2.96 -20.09 -17.07
CA GLY D 135 -3.61 -19.37 -15.99
C GLY D 135 -3.14 -17.94 -15.91
N ALA D 136 -3.48 -17.31 -14.78
CA ALA D 136 -3.15 -15.90 -14.56
C ALA D 136 -1.68 -15.76 -14.21
N PRO D 137 -0.91 -14.95 -14.93
CA PRO D 137 0.47 -14.72 -14.52
C PRO D 137 0.52 -13.98 -13.19
N ARG D 138 1.63 -14.14 -12.50
CA ARG D 138 1.80 -13.36 -11.30
C ARG D 138 2.51 -12.04 -11.55
N TYR D 139 3.23 -11.93 -12.66
CA TYR D 139 3.96 -10.71 -12.98
C TYR D 139 4.04 -10.53 -14.49
N LEU D 140 3.81 -9.30 -14.96
CA LEU D 140 4.01 -8.92 -16.35
C LEU D 140 4.82 -7.62 -16.40
N GLU D 141 5.78 -7.59 -17.31
CA GLU D 141 6.66 -6.46 -17.55
C GLU D 141 6.58 -6.15 -19.03
N ALA D 142 6.41 -4.88 -19.40
CA ALA D 142 6.26 -4.58 -20.83
C ALA D 142 6.87 -3.22 -21.18
N GLU D 143 7.44 -3.15 -22.38
CA GLU D 143 7.90 -1.90 -22.98
C GLU D 143 7.22 -1.74 -24.33
N ARG D 144 6.65 -0.56 -24.57
CA ARG D 144 6.14 -0.18 -25.89
C ARG D 144 6.72 1.20 -26.18
N LEU D 145 7.84 1.21 -26.91
CA LEU D 145 8.66 2.39 -27.11
C LEU D 145 8.79 2.66 -28.60
N ALA D 146 8.34 3.85 -29.02
CA ALA D 146 8.31 4.27 -30.41
C ALA D 146 9.14 5.52 -30.63
N PRO D 147 9.91 5.60 -31.71
CA PRO D 147 10.63 6.83 -32.03
C PRO D 147 9.67 7.96 -32.31
N PHE D 148 10.15 9.19 -32.13
CA PHE D 148 9.31 10.35 -32.38
C PHE D 148 9.21 10.65 -33.87
N LYS D 149 8.00 10.94 -34.31
CA LYS D 149 7.65 11.18 -35.70
C LYS D 149 6.74 12.37 -35.77
N PRO D 150 6.63 13.05 -36.92
CA PRO D 150 5.83 14.29 -37.01
C PRO D 150 4.47 14.22 -36.34
N ARG D 151 3.83 13.05 -36.33
CA ARG D 151 2.48 12.88 -35.78
C ARG D 151 2.48 12.63 -34.27
N SER D 152 3.62 12.23 -33.71
CA SER D 152 3.73 11.73 -32.34
C SER D 152 3.03 12.64 -31.33
N LEU D 153 2.91 13.93 -31.66
CA LEU D 153 2.35 15.00 -30.80
C LEU D 153 0.96 14.65 -30.30
N ASP D 154 0.25 13.91 -31.09
CA ASP D 154 -1.14 13.62 -30.71
C ASP D 154 -1.34 12.14 -30.41
N ILE D 155 -0.24 11.44 -30.18
CA ILE D 155 -0.25 10.15 -29.51
C ILE D 155 -0.26 10.44 -28.02
N ASP D 156 -1.41 10.26 -27.38
CA ASP D 156 -1.47 10.20 -25.92
C ASP D 156 -0.79 8.91 -25.50
N VAL D 157 0.35 9.03 -24.79
CA VAL D 157 1.23 7.87 -24.61
C VAL D 157 0.55 6.78 -23.81
N ILE D 158 -0.39 7.14 -22.94
CA ILE D 158 -1.17 6.13 -22.24
C ILE D 158 -2.30 5.60 -23.12
N MET D 159 -3.11 6.51 -23.67
CA MET D 159 -4.33 6.09 -24.36
C MET D 159 -4.05 5.42 -25.69
N ASP D 160 -2.93 5.72 -26.34
CA ASP D 160 -2.65 5.16 -27.65
C ASP D 160 -1.57 4.10 -27.66
N LEU D 161 -0.67 4.07 -26.66
CA LEU D 161 0.44 3.13 -26.67
C LEU D 161 0.34 2.13 -25.52
N MET D 162 0.30 2.62 -24.28
CA MET D 162 0.30 1.72 -23.13
C MET D 162 -0.95 0.86 -23.07
N ILE D 163 -2.05 1.35 -23.65
CA ILE D 163 -3.35 0.70 -23.54
C ILE D 163 -3.31 -0.71 -24.08
N HIS D 164 -2.49 -0.96 -25.11
CA HIS D 164 -2.32 -2.31 -25.64
C HIS D 164 -1.89 -3.28 -24.54
N ASP D 165 -0.87 -2.90 -23.77
CA ASP D 165 -0.36 -3.82 -22.76
C ASP D 165 -1.21 -3.80 -21.49
N LEU D 166 -1.84 -2.68 -21.16
CA LEU D 166 -2.89 -2.73 -20.15
C LEU D 166 -3.96 -3.76 -20.53
N ASP D 167 -4.28 -3.85 -21.82
CA ASP D 167 -5.37 -4.73 -22.23
C ASP D 167 -4.92 -6.18 -22.17
N LEU D 168 -3.70 -6.47 -22.65
CA LEU D 168 -3.15 -7.83 -22.49
C LEU D 168 -3.07 -8.21 -21.01
N THR D 169 -2.67 -7.28 -20.14
CA THR D 169 -2.63 -7.57 -18.71
C THR D 169 -4.00 -8.01 -18.20
N LEU D 170 -5.04 -7.22 -18.52
CA LEU D 170 -6.37 -7.57 -18.03
C LEU D 170 -6.89 -8.84 -18.69
N LEU D 171 -6.48 -9.13 -19.93
CA LEU D 171 -6.97 -10.31 -20.63
C LEU D 171 -6.29 -11.57 -20.13
N LEU D 172 -5.00 -11.48 -19.82
CA LEU D 172 -4.28 -12.65 -19.35
C LEU D 172 -4.56 -12.93 -17.89
N THR D 173 -4.84 -11.91 -17.08
CA THR D 173 -5.09 -12.16 -15.67
C THR D 173 -6.54 -12.53 -15.42
N GLY D 174 -7.45 -11.88 -16.14
CA GLY D 174 -8.88 -11.98 -15.83
C GLY D 174 -9.15 -11.33 -14.49
N ALA D 175 -8.33 -10.37 -14.09
CA ALA D 175 -8.50 -9.69 -12.79
C ALA D 175 -8.73 -8.19 -12.99
N GLU D 176 -9.07 -7.44 -11.95
CA GLU D 176 -9.29 -6.00 -12.14
C GLU D 176 -8.28 -5.19 -11.31
N PRO D 177 -7.92 -3.97 -11.72
CA PRO D 177 -6.95 -3.19 -10.99
C PRO D 177 -7.53 -2.68 -9.67
N VAL D 178 -6.70 -2.69 -8.64
CA VAL D 178 -7.10 -2.17 -7.32
C VAL D 178 -6.11 -1.08 -6.91
N ASP D 179 -4.92 -1.02 -7.50
CA ASP D 179 -3.97 0.05 -7.17
C ASP D 179 -3.20 0.40 -8.44
N VAL D 180 -3.07 1.69 -8.71
CA VAL D 180 -2.42 2.20 -9.91
C VAL D 180 -1.48 3.32 -9.48
N ARG D 181 -0.17 3.09 -9.66
CA ARG D 181 0.83 4.12 -9.41
C ARG D 181 1.58 4.32 -10.72
N ALA D 182 2.08 5.53 -10.95
CA ALA D 182 2.66 5.82 -12.27
C ALA D 182 3.59 7.01 -12.18
N VAL D 183 4.52 7.07 -13.14
CA VAL D 183 5.32 8.26 -13.40
C VAL D 183 5.19 8.66 -14.86
N GLY D 184 5.60 9.89 -15.12
CA GLY D 184 5.60 10.47 -16.46
C GLY D 184 6.71 11.50 -16.56
N VAL D 185 7.33 11.59 -17.73
CA VAL D 185 8.41 12.58 -17.99
C VAL D 185 8.02 13.40 -19.21
N ALA D 186 7.72 14.67 -18.99
CA ALA D 186 7.32 15.54 -20.11
C ALA D 186 8.53 16.29 -20.64
N ALA D 187 8.98 15.87 -21.80
CA ALA D 187 10.08 16.56 -22.46
C ALA D 187 9.61 17.60 -23.47
N VAL D 188 8.72 17.21 -24.38
CA VAL D 188 8.33 18.10 -25.47
C VAL D 188 7.38 19.17 -24.98
N THR D 189 6.27 18.75 -24.40
CA THR D 189 5.22 19.61 -23.93
C THR D 189 4.98 19.31 -22.45
N ASP D 190 3.93 19.91 -21.89
CA ASP D 190 3.43 19.49 -20.59
C ASP D 190 2.78 18.11 -20.62
N LYS D 191 2.47 17.56 -21.80
CA LYS D 191 1.89 16.23 -21.89
C LYS D 191 2.98 15.16 -21.80
N ALA D 192 2.56 13.95 -21.43
CA ALA D 192 3.51 12.88 -21.19
C ALA D 192 4.05 12.34 -22.51
N ASP D 193 5.38 12.32 -22.63
CA ASP D 193 6.04 11.64 -23.75
C ASP D 193 6.54 10.26 -23.36
N MET D 194 6.68 9.99 -22.08
CA MET D 194 6.98 8.66 -21.57
C MET D 194 6.20 8.49 -20.27
N ALA D 195 5.89 7.25 -19.95
CA ALA D 195 5.17 6.95 -18.72
C ALA D 195 5.47 5.52 -18.32
N THR D 196 5.45 5.28 -17.01
CA THR D 196 5.59 3.93 -16.51
C THR D 196 4.55 3.75 -15.43
N ALA D 197 3.85 2.61 -15.48
CA ALA D 197 2.81 2.26 -14.52
C ALA D 197 3.19 0.99 -13.78
N TRP D 198 2.81 0.97 -12.50
CA TRP D 198 2.93 -0.15 -11.59
C TRP D 198 1.51 -0.41 -11.09
N MET D 199 0.90 -1.48 -11.58
CA MET D 199 -0.51 -1.77 -11.36
C MET D 199 -0.63 -3.06 -10.57
N THR D 200 -1.35 -2.98 -9.46
CA THR D 200 -1.61 -4.15 -8.63
C THR D 200 -3.08 -4.51 -8.83
N LEU D 201 -3.33 -5.73 -9.25
CA LEU D 201 -4.66 -6.23 -9.58
C LEU D 201 -5.20 -7.07 -8.43
N ASN D 202 -6.51 -7.30 -8.45
CA ASN D 202 -7.17 -7.85 -7.27
C ASN D 202 -6.86 -9.32 -7.01
N ASN D 203 -6.07 -9.98 -7.87
CA ASN D 203 -5.58 -11.32 -7.57
C ASN D 203 -4.11 -11.32 -7.17
N GLY D 204 -3.55 -10.14 -6.89
CA GLY D 204 -2.16 -10.03 -6.50
C GLY D 204 -1.16 -9.97 -7.63
N THR D 205 -1.60 -10.10 -8.88
CA THR D 205 -0.70 -9.90 -10.01
C THR D 205 -0.27 -8.43 -10.08
N VAL D 206 0.98 -8.19 -10.46
CA VAL D 206 1.49 -6.83 -10.69
C VAL D 206 1.85 -6.70 -12.16
N ALA D 207 1.55 -5.54 -12.73
CA ALA D 207 1.91 -5.22 -14.10
C ALA D 207 2.80 -3.99 -14.09
N ASN D 208 3.92 -4.07 -14.79
CA ASN D 208 4.93 -3.02 -14.77
C ASN D 208 5.13 -2.65 -16.24
N LEU D 209 4.51 -1.56 -16.66
CA LEU D 209 4.32 -1.27 -18.08
C LEU D 209 4.90 0.10 -18.41
N ALA D 210 5.75 0.15 -19.44
CA ALA D 210 6.35 1.41 -19.87
C ALA D 210 5.95 1.71 -21.30
N ALA D 211 5.70 2.99 -21.57
CA ALA D 211 5.42 3.42 -22.93
C ALA D 211 6.17 4.72 -23.17
N SER D 212 6.65 4.90 -24.40
CA SER D 212 7.28 6.15 -24.76
C SER D 212 7.14 6.38 -26.26
N ARG D 213 7.03 7.66 -26.63
CA ARG D 213 7.03 8.13 -28.00
C ARG D 213 8.29 8.89 -28.35
N VAL D 214 9.34 8.82 -27.51
CA VAL D 214 10.58 9.55 -27.72
C VAL D 214 11.82 8.68 -27.56
N VAL D 215 11.76 7.41 -27.94
CA VAL D 215 12.95 6.56 -27.91
C VAL D 215 13.65 6.64 -29.25
N ARG D 216 14.95 6.30 -29.29
CA ARG D 216 15.67 6.38 -30.55
C ARG D 216 15.43 5.15 -31.42
N GLU D 217 15.33 3.97 -30.81
CA GLU D 217 14.95 2.79 -31.59
C GLU D 217 13.76 2.07 -30.97
N PRO D 218 12.82 1.61 -31.79
CA PRO D 218 11.57 1.06 -31.26
C PRO D 218 11.78 -0.29 -30.59
N ALA D 219 10.83 -0.61 -29.72
CA ALA D 219 10.87 -1.83 -28.92
C ALA D 219 9.45 -2.14 -28.48
N ARG D 220 9.01 -3.37 -28.71
CA ARG D 220 7.72 -3.85 -28.23
C ARG D 220 7.97 -5.21 -27.60
N ARG D 221 7.99 -5.24 -26.27
CA ARG D 221 8.42 -6.40 -25.52
C ARG D 221 7.51 -6.61 -24.33
N MET D 222 7.30 -7.90 -24.00
CA MET D 222 6.56 -8.28 -22.80
C MET D 222 7.15 -9.55 -22.23
N ARG D 223 7.59 -9.48 -20.98
CA ARG D 223 7.99 -10.64 -20.20
C ARG D 223 6.86 -10.99 -19.23
N ILE D 224 6.56 -12.27 -19.13
CA ILE D 224 5.44 -12.76 -18.34
C ILE D 224 5.93 -13.88 -17.44
N PHE D 225 5.66 -13.76 -16.14
CA PHE D 225 6.12 -14.70 -15.13
C PHE D 225 4.89 -15.30 -14.44
N TRP D 226 4.66 -16.58 -14.73
CA TRP D 226 3.79 -17.43 -13.94
C TRP D 226 4.62 -18.05 -12.83
N GLN D 227 4.02 -19.00 -12.09
CA GLN D 227 4.73 -19.65 -10.99
C GLN D 227 5.90 -20.49 -11.50
N ASP D 228 5.68 -21.27 -12.56
CA ASP D 228 6.67 -22.26 -13.02
C ASP D 228 7.08 -22.07 -14.46
N ARG D 229 6.67 -20.99 -15.12
CA ARG D 229 6.95 -20.76 -16.53
C ARG D 229 7.16 -19.26 -16.75
N TYR D 230 8.12 -18.89 -17.60
CA TYR D 230 8.35 -17.49 -17.93
C TYR D 230 8.45 -17.32 -19.44
N ALA D 231 7.72 -16.36 -19.98
CA ALA D 231 7.63 -16.14 -21.42
C ALA D 231 8.24 -14.78 -21.78
N SER D 232 9.06 -14.77 -22.83
CA SER D 232 9.62 -13.57 -23.43
C SER D 232 8.99 -13.38 -24.79
N VAL D 233 8.22 -12.31 -24.94
CA VAL D 233 7.51 -12.00 -26.17
C VAL D 233 8.16 -10.78 -26.79
N ASP D 234 8.55 -10.89 -28.05
CA ASP D 234 8.93 -9.75 -28.87
C ASP D 234 7.87 -9.57 -29.96
N PHE D 235 6.98 -8.59 -29.74
CA PHE D 235 5.88 -8.36 -30.69
C PHE D 235 6.40 -7.92 -32.05
N LEU D 236 7.38 -7.01 -32.05
CA LEU D 236 7.97 -6.50 -33.29
C LEU D 236 8.58 -7.63 -34.11
N ASN D 237 9.38 -8.48 -33.46
CA ASN D 237 10.06 -9.58 -34.13
C ASN D 237 9.16 -10.81 -34.33
N ASN D 238 7.99 -10.83 -33.70
CA ASN D 238 7.08 -11.99 -33.71
C ASN D 238 7.78 -13.23 -33.14
N THR D 239 8.46 -13.05 -32.01
CA THR D 239 9.11 -14.19 -31.36
C THR D 239 8.54 -14.43 -29.97
N LEU D 240 8.62 -15.70 -29.54
CA LEU D 240 8.13 -16.14 -28.24
C LEU D 240 9.05 -17.22 -27.72
N HIS D 241 9.62 -17.01 -26.56
CA HIS D 241 10.48 -17.99 -25.87
C HIS D 241 9.84 -18.32 -24.52
N ILE D 242 9.72 -19.60 -24.22
CA ILE D 242 9.14 -20.07 -22.96
C ILE D 242 10.19 -20.86 -22.19
N TYR D 243 10.42 -20.45 -20.94
CA TYR D 243 11.42 -21.04 -20.07
C TYR D 243 10.69 -21.78 -18.95
N HIS D 244 11.11 -23.02 -18.71
CA HIS D 244 10.44 -23.92 -17.78
C HIS D 244 11.31 -24.16 -16.56
N ARG D 245 10.74 -23.93 -15.38
CA ARG D 245 11.40 -24.20 -14.11
C ARG D 245 11.95 -25.63 -14.07
N ARG D 257 14.86 -25.23 -19.21
CA ARG D 257 14.64 -25.49 -20.63
C ARG D 257 14.03 -24.27 -21.29
N ASP D 258 14.64 -23.86 -22.40
CA ASP D 258 14.20 -22.69 -23.16
C ASP D 258 13.68 -23.19 -24.50
N GLU D 259 12.38 -23.02 -24.75
CA GLU D 259 11.78 -23.46 -25.99
C GLU D 259 11.42 -22.25 -26.84
N ALA D 260 12.00 -22.21 -28.03
CA ALA D 260 11.55 -21.31 -29.08
C ALA D 260 10.22 -21.82 -29.63
N VAL D 261 9.26 -20.92 -29.78
CA VAL D 261 7.94 -21.27 -30.28
C VAL D 261 7.83 -20.67 -31.68
N ASP D 262 7.59 -21.53 -32.66
CA ASP D 262 7.50 -21.14 -34.06
C ASP D 262 6.21 -20.35 -34.28
N LEU D 263 6.31 -19.02 -34.34
CA LEU D 263 5.14 -18.18 -34.57
C LEU D 263 4.98 -17.93 -36.06
N ALA D 264 3.75 -18.05 -36.56
CA ALA D 264 3.47 -17.77 -37.96
C ALA D 264 3.07 -16.31 -38.13
N LYS D 265 3.54 -15.73 -39.21
CA LYS D 265 3.17 -14.34 -39.52
C LYS D 265 1.77 -14.32 -40.15
N ARG D 266 0.85 -13.54 -39.59
CA ARG D 266 -0.48 -13.34 -40.16
C ARG D 266 -0.82 -11.85 -40.13
N ASP D 267 -1.82 -11.46 -40.92
CA ASP D 267 -2.28 -10.07 -40.92
C ASP D 267 -3.20 -9.86 -39.73
N ALA D 268 -2.74 -9.10 -38.73
CA ALA D 268 -3.51 -8.90 -37.52
C ALA D 268 -4.83 -8.20 -37.79
N LEU D 269 -4.84 -7.19 -38.68
CA LEU D 269 -6.08 -6.49 -38.97
C LEU D 269 -7.04 -7.38 -39.74
N ALA D 270 -6.54 -8.11 -40.73
CA ALA D 270 -7.37 -9.09 -41.43
C ALA D 270 -8.02 -10.05 -40.45
N ALA D 271 -7.23 -10.57 -39.50
CA ALA D 271 -7.76 -11.52 -38.52
C ALA D 271 -8.80 -10.86 -37.63
N GLU D 272 -8.55 -9.62 -37.20
CA GLU D 272 -9.50 -8.90 -36.37
C GLU D 272 -10.85 -8.72 -37.08
N ILE D 273 -10.82 -8.27 -38.33
CA ILE D 273 -12.08 -8.05 -39.01
C ILE D 273 -12.78 -9.38 -39.28
N GLU D 274 -11.99 -10.42 -39.61
CA GLU D 274 -12.55 -11.75 -39.81
C GLU D 274 -13.30 -12.22 -38.57
N ASP D 275 -12.67 -12.04 -37.40
CA ASP D 275 -13.31 -12.44 -36.14
C ASP D 275 -14.58 -11.65 -35.90
N PHE D 276 -14.56 -10.34 -36.15
CA PHE D 276 -15.74 -9.49 -35.99
C PHE D 276 -16.92 -9.99 -36.85
N LEU D 277 -16.65 -10.28 -38.11
CA LEU D 277 -17.73 -10.67 -39.01
C LEU D 277 -18.23 -12.08 -38.69
N ASN D 278 -17.32 -12.99 -38.31
CA ASN D 278 -17.76 -14.32 -37.89
C ASN D 278 -18.60 -14.22 -36.62
N ALA D 279 -18.24 -13.30 -35.71
CA ALA D 279 -19.05 -13.10 -34.53
C ALA D 279 -20.49 -12.78 -34.89
N ILE D 280 -20.67 -11.82 -35.82
CA ILE D 280 -22.03 -11.49 -36.25
C ILE D 280 -22.71 -12.72 -36.85
N ALA D 281 -22.06 -13.34 -37.83
CA ALA D 281 -22.73 -14.34 -38.65
C ALA D 281 -23.07 -15.59 -37.85
N ALA D 282 -22.25 -15.97 -36.87
CA ALA D 282 -22.43 -17.20 -36.10
C ALA D 282 -22.92 -17.00 -34.67
N HIS D 283 -23.16 -15.76 -34.24
CA HIS D 283 -23.56 -15.46 -32.85
C HIS D 283 -22.56 -16.06 -31.86
N ARG D 284 -21.27 -15.91 -32.15
CA ARG D 284 -20.18 -16.38 -31.27
C ARG D 284 -19.44 -15.18 -30.66
N PRO D 285 -18.65 -15.33 -29.59
CA PRO D 285 -18.00 -14.20 -28.94
C PRO D 285 -16.91 -13.56 -29.82
N VAL D 286 -16.84 -12.25 -29.75
CA VAL D 286 -15.88 -11.45 -30.53
C VAL D 286 -14.56 -11.35 -29.75
N PHE D 287 -13.48 -11.10 -30.43
CA PHE D 287 -12.16 -11.13 -29.79
C PHE D 287 -12.04 -10.08 -28.69
N CYS D 288 -12.77 -8.97 -28.81
CA CYS D 288 -12.80 -7.96 -27.75
C CYS D 288 -14.12 -7.22 -27.86
N ASP D 289 -15.03 -7.41 -26.90
CA ASP D 289 -16.33 -6.77 -26.97
C ASP D 289 -16.29 -5.41 -26.24
N GLY D 290 -17.45 -4.74 -26.22
CA GLY D 290 -17.52 -3.43 -25.61
C GLY D 290 -17.14 -3.45 -24.13
N VAL D 291 -17.61 -4.45 -23.40
CA VAL D 291 -17.36 -4.50 -21.95
C VAL D 291 -15.86 -4.57 -21.66
N ALA D 292 -15.12 -5.33 -22.48
CA ALA D 292 -13.67 -5.40 -22.35
C ALA D 292 -13.00 -4.07 -22.68
N GLY D 293 -13.45 -3.43 -23.77
CA GLY D 293 -12.91 -2.14 -24.13
C GLY D 293 -13.07 -1.10 -23.05
N ARG D 294 -14.25 -1.09 -22.38
CA ARG D 294 -14.46 -0.20 -21.25
C ARG D 294 -13.59 -0.58 -20.05
N ARG D 295 -13.39 -1.88 -19.79
CA ARG D 295 -12.45 -2.30 -18.74
C ARG D 295 -11.09 -1.63 -18.93
N VAL D 296 -10.55 -1.73 -20.14
CA VAL D 296 -9.20 -1.23 -20.34
C VAL D 296 -9.20 0.30 -20.43
N LEU D 297 -10.28 0.89 -20.95
CA LEU D 297 -10.37 2.35 -20.94
C LEU D 297 -10.36 2.89 -19.52
N ALA D 298 -11.08 2.25 -18.60
CA ALA D 298 -11.07 2.67 -17.21
C ALA D 298 -9.67 2.58 -16.61
N ALA D 299 -8.96 1.47 -16.87
CA ALA D 299 -7.60 1.31 -16.35
C ALA D 299 -6.63 2.35 -16.93
N ALA D 300 -6.74 2.61 -18.24
CA ALA D 300 -5.90 3.61 -18.86
C ALA D 300 -6.16 4.98 -18.23
N LEU D 301 -7.43 5.30 -17.99
CA LEU D 301 -7.76 6.58 -17.39
C LEU D 301 -7.17 6.68 -15.99
N GLN D 302 -7.14 5.57 -15.26
CA GLN D 302 -6.48 5.57 -13.96
C GLN D 302 -4.99 5.90 -14.10
N VAL D 303 -4.31 5.24 -15.05
CA VAL D 303 -2.89 5.50 -15.22
C VAL D 303 -2.67 6.96 -15.58
N ARG D 304 -3.52 7.50 -16.46
CA ARG D 304 -3.34 8.87 -16.90
C ARG D 304 -3.53 9.82 -15.73
N VAL D 305 -4.55 9.59 -14.90
CA VAL D 305 -4.74 10.38 -13.68
C VAL D 305 -3.47 10.36 -12.85
N ALA D 306 -2.92 9.18 -12.62
CA ALA D 306 -1.71 9.05 -11.81
C ALA D 306 -0.54 9.83 -12.41
N VAL D 307 -0.35 9.69 -13.73
CA VAL D 307 0.76 10.35 -14.42
C VAL D 307 0.61 11.86 -14.36
N GLU D 308 -0.59 12.35 -14.69
CA GLU D 308 -0.87 13.77 -14.59
C GLU D 308 -0.49 14.31 -13.21
N ALA D 309 -0.95 13.63 -12.16
CA ALA D 309 -0.65 14.09 -10.81
C ALA D 309 0.86 14.17 -10.60
N PHE D 310 1.56 13.07 -10.89
CA PHE D 310 3.02 13.07 -10.75
C PHE D 310 3.65 14.23 -11.51
N LEU D 311 3.09 14.58 -12.68
CA LEU D 311 3.68 15.58 -13.54
C LEU D 311 3.50 17.01 -13.03
N GLN D 312 2.58 17.25 -12.10
CA GLN D 312 2.41 18.64 -11.59
C GLN D 312 3.05 18.79 -10.19
#